data_8EI3
#
_entry.id   8EI3
#
_cell.length_a   47.080
_cell.length_b   47.080
_cell.length_c   359.580
_cell.angle_alpha   90.000
_cell.angle_beta   90.000
_cell.angle_gamma   90.000
#
_symmetry.space_group_name_H-M   'P 41'
#
loop_
_entity.id
_entity.type
_entity.pdbx_description
1 polymer Elongin-B
2 polymer Elongin-C
3 polymer 'von Hippel-Lindau disease tumor suppressor'
4 polymer H313
5 non-polymer "N,N'-(1,4-phenylene)diacetamide"
#
loop_
_entity_poly.entity_id
_entity_poly.type
_entity_poly.pdbx_seq_one_letter_code
_entity_poly.pdbx_strand_id
1 'polypeptide(L)'
;MDVFLMIRRHKTTIFTDAKESSTVFELKRIVEGILKRPPDEQRLYKDDQLLDDGKTLGECGFTSQTARPQAPATVGLAFR
ADDTFEALCIEPFSSPPELPDVMKPQDSGSSANEQAVQ
;
A,D
2 'polypeptide(L)'
;MYVKLISSDGHEFIVKREHALTSGTIKAMLSGPGQFAENETNEVNFREIPSHVLSKVCMYFTYKVRYTNSSTEIPEFPIA
PEIALELLMAANFLDC
;
B,E
3 'polypeptide(L)'
;GSHMEAGRPRPVLRSVNSREPSQVIFCNRSPRVVLPVWLNFDGEPQPYPTLPPGTGRRIHSYRGHLWLFRDAGTHDGLLV
NQTELFVPSLNVDGQPIFANITLPVYTLKERCLQVVRSLVKPENYRRLDIVRSLYEDLEDHPNVQKDLERLTQERIAHQR
MGD
;
C,F
4 'polypeptide(L)' (ACE)DPAWWNCFSAAQQCDAM(NH2) G
#
# COMPACT_ATOMS: atom_id res chain seq x y z
N MET A 1 -2.62 -6.44 -14.20
CA MET A 1 -3.57 -5.90 -15.18
C MET A 1 -4.91 -5.61 -14.52
N ASP A 2 -5.51 -6.64 -13.91
CA ASP A 2 -6.76 -6.48 -13.17
C ASP A 2 -6.44 -6.20 -11.71
N VAL A 3 -7.07 -5.16 -11.16
CA VAL A 3 -6.88 -4.78 -9.77
C VAL A 3 -8.20 -4.94 -9.03
N PHE A 4 -8.13 -5.39 -7.79
CA PHE A 4 -9.30 -5.67 -6.97
C PHE A 4 -9.26 -4.79 -5.73
N LEU A 5 -10.40 -4.21 -5.39
CA LEU A 5 -10.43 -3.04 -4.51
C LEU A 5 -11.43 -3.23 -3.37
N MET A 6 -11.19 -2.48 -2.30
CA MET A 6 -12.15 -2.31 -1.20
C MET A 6 -12.38 -0.82 -1.01
N ILE A 7 -13.46 -0.30 -1.62
CA ILE A 7 -13.84 1.09 -1.46
C ILE A 7 -14.62 1.21 -0.15
N ARG A 8 -14.06 1.93 0.82
CA ARG A 8 -14.55 1.90 2.19
C ARG A 8 -14.84 3.31 2.69
N ARG A 9 -15.99 3.46 3.36
CA ARG A 9 -16.34 4.67 4.07
C ARG A 9 -17.12 4.30 5.32
N HIS A 10 -16.66 4.77 6.48
CA HIS A 10 -17.25 4.43 7.75
C HIS A 10 -17.43 2.92 7.88
N LYS A 11 -18.67 2.45 7.84
CA LYS A 11 -18.98 1.04 7.96
C LYS A 11 -19.32 0.38 6.64
N THR A 12 -19.36 1.14 5.55
CA THR A 12 -19.64 0.61 4.22
C THR A 12 -18.35 0.10 3.58
N THR A 13 -18.43 -1.08 2.98
CA THR A 13 -17.28 -1.70 2.32
C THR A 13 -17.74 -2.25 0.98
N ILE A 14 -17.21 -1.69 -0.11
CA ILE A 14 -17.59 -2.05 -1.46
C ILE A 14 -16.46 -2.86 -2.08
N PHE A 15 -16.81 -4.02 -2.65
CA PHE A 15 -15.86 -4.88 -3.34
C PHE A 15 -16.13 -4.81 -4.85
N THR A 16 -15.12 -4.38 -5.60
CA THR A 16 -15.23 -4.30 -7.05
C THR A 16 -13.83 -4.42 -7.65
N ASP A 17 -13.78 -4.46 -8.98
CA ASP A 17 -12.52 -4.61 -9.69
C ASP A 17 -12.52 -3.72 -10.92
N ALA A 18 -11.34 -3.16 -11.23
CA ALA A 18 -11.14 -2.37 -12.43
C ALA A 18 -9.81 -2.80 -13.04
N LYS A 19 -9.38 -2.09 -14.09
CA LYS A 19 -8.12 -2.37 -14.73
C LYS A 19 -7.14 -1.22 -14.50
N GLU A 20 -5.85 -1.55 -14.62
CA GLU A 20 -4.81 -0.57 -14.31
C GLU A 20 -4.90 0.65 -15.21
N SER A 21 -5.31 0.47 -16.46
CA SER A 21 -5.48 1.57 -17.41
C SER A 21 -6.87 2.20 -17.32
N SER A 22 -7.40 2.37 -16.11
CA SER A 22 -8.67 3.05 -15.89
C SER A 22 -8.47 4.15 -14.87
N THR A 23 -9.15 5.27 -15.07
CA THR A 23 -8.90 6.47 -14.29
C THR A 23 -9.70 6.47 -12.98
N VAL A 24 -9.30 7.37 -12.08
CA VAL A 24 -9.99 7.51 -10.80
C VAL A 24 -11.41 8.02 -11.01
N PHE A 25 -11.60 8.93 -11.98
CA PHE A 25 -12.95 9.39 -12.30
C PHE A 25 -13.82 8.22 -12.76
N GLU A 26 -13.25 7.33 -13.57
CA GLU A 26 -14.00 6.15 -14.00
C GLU A 26 -14.38 5.27 -12.82
N LEU A 27 -13.54 5.22 -11.79
CA LEU A 27 -13.90 4.51 -10.57
C LEU A 27 -14.96 5.26 -9.78
N LYS A 28 -14.96 6.59 -9.84
CA LYS A 28 -16.02 7.37 -9.20
C LYS A 28 -17.35 7.16 -9.90
N ARG A 29 -17.32 6.81 -11.19
CA ARG A 29 -18.55 6.39 -11.87
C ARG A 29 -19.06 5.07 -11.31
N ILE A 30 -18.16 4.14 -11.01
CA ILE A 30 -18.56 2.85 -10.46
C ILE A 30 -19.29 3.05 -9.13
N VAL A 31 -18.80 3.98 -8.30
CA VAL A 31 -19.47 4.27 -7.05
C VAL A 31 -20.80 4.97 -7.29
N GLU A 32 -20.87 5.80 -8.35
CA GLU A 32 -22.12 6.48 -8.67
C GLU A 32 -23.22 5.48 -9.00
N GLY A 33 -22.89 4.40 -9.70
CA GLY A 33 -23.85 3.35 -9.95
C GLY A 33 -24.27 2.60 -8.71
N ILE A 34 -23.45 2.63 -7.67
CA ILE A 34 -23.74 1.93 -6.42
C ILE A 34 -24.42 2.87 -5.44
N LEU A 35 -23.67 3.84 -4.92
CA LEU A 35 -24.15 4.70 -3.85
C LEU A 35 -24.97 5.89 -4.35
N LYS A 36 -25.20 6.00 -5.66
CA LYS A 36 -26.08 7.02 -6.24
C LYS A 36 -25.60 8.43 -5.92
N ARG A 37 -24.30 8.67 -6.06
CA ARG A 37 -23.71 9.98 -5.80
C ARG A 37 -22.74 10.33 -6.93
N PRO A 38 -22.72 11.58 -7.38
CA PRO A 38 -21.91 11.94 -8.55
C PRO A 38 -20.44 12.02 -8.19
N PRO A 39 -19.55 11.90 -9.19
CA PRO A 39 -18.11 11.93 -8.89
C PRO A 39 -17.65 13.19 -8.20
N ASP A 40 -18.16 14.36 -8.60
CA ASP A 40 -17.78 15.61 -7.95
C ASP A 40 -18.21 15.67 -6.49
N GLU A 41 -19.04 14.73 -6.04
CA GLU A 41 -19.39 14.59 -4.63
C GLU A 41 -18.60 13.49 -3.95
N GLN A 42 -17.58 12.95 -4.61
CA GLN A 42 -16.72 11.91 -4.05
C GLN A 42 -15.28 12.36 -4.04
N ARG A 43 -14.51 11.80 -3.10
N ARG A 43 -14.51 11.78 -3.12
CA ARG A 43 -13.07 12.03 -3.03
CA ARG A 43 -13.08 12.03 -3.02
C ARG A 43 -12.41 10.71 -2.65
C ARG A 43 -12.41 10.71 -2.65
N LEU A 44 -11.62 10.16 -3.58
CA LEU A 44 -10.99 8.87 -3.38
C LEU A 44 -9.58 9.04 -2.83
N TYR A 45 -9.19 8.15 -1.92
CA TYR A 45 -7.94 8.27 -1.20
C TYR A 45 -7.22 6.94 -1.12
N LYS A 46 -5.92 6.96 -1.39
N LYS A 46 -5.91 6.96 -1.38
CA LYS A 46 -5.03 5.85 -1.05
CA LYS A 46 -5.03 5.85 -1.05
C LYS A 46 -4.44 6.15 0.32
C LYS A 46 -4.43 6.15 0.31
N ASP A 47 -4.86 5.38 1.33
CA ASP A 47 -4.55 5.67 2.72
C ASP A 47 -5.09 7.05 3.09
N ASP A 48 -4.27 8.10 2.95
CA ASP A 48 -4.72 9.45 3.25
C ASP A 48 -4.30 10.47 2.19
N GLN A 49 -3.80 10.03 1.04
CA GLN A 49 -3.46 10.93 -0.05
C GLN A 49 -4.64 10.99 -1.02
N LEU A 50 -5.06 12.21 -1.35
CA LEU A 50 -6.22 12.41 -2.22
C LEU A 50 -5.84 12.10 -3.66
N LEU A 51 -6.56 11.17 -4.28
CA LEU A 51 -6.32 10.79 -5.66
C LEU A 51 -7.18 11.65 -6.57
N ASP A 52 -6.54 12.33 -7.52
CA ASP A 52 -7.25 13.21 -8.44
C ASP A 52 -7.89 12.39 -9.56
N ASP A 53 -8.80 13.04 -10.29
CA ASP A 53 -9.64 12.33 -11.25
C ASP A 53 -8.87 11.90 -12.49
N GLY A 54 -7.79 12.61 -12.85
CA GLY A 54 -7.15 12.38 -14.13
C GLY A 54 -6.24 11.16 -14.19
N LYS A 55 -5.79 10.67 -13.04
CA LYS A 55 -4.79 9.62 -13.01
C LYS A 55 -5.43 8.24 -13.01
N THR A 56 -4.67 7.25 -13.49
CA THR A 56 -5.10 5.87 -13.51
C THR A 56 -4.80 5.19 -12.19
N LEU A 57 -5.45 4.04 -11.96
CA LEU A 57 -5.28 3.32 -10.70
C LEU A 57 -3.85 2.80 -10.57
N GLY A 58 -3.26 2.33 -11.67
CA GLY A 58 -1.88 1.88 -11.62
C GLY A 58 -0.92 3.00 -11.29
N GLU A 59 -1.21 4.21 -11.80
CA GLU A 59 -0.37 5.36 -11.49
C GLU A 59 -0.54 5.80 -10.04
N CYS A 60 -1.74 5.64 -9.48
CA CYS A 60 -1.96 6.00 -8.09
C CYS A 60 -1.28 5.06 -7.11
N GLY A 61 -0.86 3.88 -7.57
CA GLY A 61 -0.16 2.95 -6.70
C GLY A 61 -0.86 1.62 -6.55
N PHE A 62 -1.92 1.39 -7.34
CA PHE A 62 -2.67 0.15 -7.29
C PHE A 62 -2.18 -0.77 -8.40
N THR A 63 -1.03 -1.39 -8.17
CA THR A 63 -0.54 -2.38 -9.11
C THR A 63 -1.19 -3.73 -8.82
N SER A 64 -1.15 -4.62 -9.82
CA SER A 64 -1.82 -5.91 -9.70
C SER A 64 -1.23 -6.76 -8.57
N GLN A 65 0.00 -6.47 -8.15
CA GLN A 65 0.63 -7.23 -7.07
C GLN A 65 0.23 -6.70 -5.69
N THR A 66 -0.44 -5.56 -5.62
CA THR A 66 -0.96 -5.03 -4.37
C THR A 66 -2.48 -5.02 -4.30
N ALA A 67 -3.13 -4.88 -5.45
CA ALA A 67 -4.59 -4.87 -5.51
C ALA A 67 -5.10 -6.24 -5.94
N ARG A 68 -4.55 -7.28 -5.32
CA ARG A 68 -4.93 -8.66 -5.63
C ARG A 68 -6.29 -9.02 -5.06
N PRO A 69 -6.86 -10.14 -5.55
CA PRO A 69 -8.18 -10.63 -5.12
C PRO A 69 -8.19 -11.03 -3.64
N GLN A 70 -7.38 -12.01 -3.26
CA GLN A 70 -7.34 -12.47 -1.88
C GLN A 70 -6.91 -11.39 -0.91
N ALA A 71 -6.28 -10.31 -1.40
CA ALA A 71 -5.87 -9.20 -0.55
C ALA A 71 -6.06 -7.89 -1.32
N PRO A 72 -7.31 -7.43 -1.43
CA PRO A 72 -7.56 -6.20 -2.19
C PRO A 72 -7.12 -4.96 -1.43
N ALA A 73 -6.76 -3.94 -2.19
CA ALA A 73 -6.26 -2.70 -1.61
C ALA A 73 -7.41 -1.80 -1.18
N THR A 74 -7.28 -1.20 0.00
CA THR A 74 -8.30 -0.30 0.51
C THR A 74 -8.25 1.03 -0.23
N VAL A 75 -9.41 1.52 -0.65
CA VAL A 75 -9.54 2.80 -1.33
C VAL A 75 -10.42 3.69 -0.45
N GLY A 76 -9.83 4.74 0.11
CA GLY A 76 -10.59 5.64 0.97
C GLY A 76 -11.63 6.43 0.20
N LEU A 77 -12.68 6.83 0.91
CA LEU A 77 -13.79 7.53 0.29
C LEU A 77 -14.36 8.54 1.28
N ALA A 78 -14.74 9.71 0.77
CA ALA A 78 -15.37 10.75 1.58
C ALA A 78 -16.36 11.50 0.70
N PHE A 79 -17.57 11.71 1.21
CA PHE A 79 -18.59 12.44 0.49
C PHE A 79 -18.64 13.90 0.93
N ARG A 80 -19.39 14.70 0.16
CA ARG A 80 -19.53 16.12 0.40
C ARG A 80 -20.73 16.36 1.31
N ALA A 81 -20.49 16.93 2.48
CA ALA A 81 -21.56 17.32 3.40
C ALA A 81 -21.94 18.76 3.09
N ASP A 82 -23.17 18.96 2.61
CA ASP A 82 -23.67 20.26 2.17
C ASP A 82 -22.80 20.80 1.04
N ASP A 83 -21.79 21.61 1.37
CA ASP A 83 -20.87 22.15 0.39
C ASP A 83 -19.41 21.85 0.70
N THR A 84 -19.12 21.25 1.87
CA THR A 84 -17.77 20.91 2.27
C THR A 84 -17.67 19.40 2.48
N PHE A 85 -16.61 18.80 1.96
CA PHE A 85 -16.43 17.36 2.07
C PHE A 85 -16.17 16.94 3.51
N GLU A 86 -16.62 15.74 3.85
CA GLU A 86 -16.44 15.21 5.19
C GLU A 86 -14.97 14.89 5.44
N ALA A 87 -14.67 14.54 6.70
CA ALA A 87 -13.36 14.02 7.05
C ALA A 87 -13.30 12.54 6.70
N LEU A 88 -12.26 12.15 5.96
CA LEU A 88 -12.10 10.77 5.51
C LEU A 88 -12.08 9.82 6.70
N CYS A 89 -13.14 9.03 6.86
CA CYS A 89 -13.26 8.10 7.97
C CYS A 89 -13.61 6.72 7.46
N ILE A 90 -12.93 5.70 7.97
CA ILE A 90 -13.22 4.30 7.68
C ILE A 90 -13.24 3.58 9.03
N GLU A 91 -14.42 3.18 9.47
CA GLU A 91 -14.55 2.51 10.76
C GLU A 91 -13.81 1.17 10.73
N PRO A 92 -12.92 0.92 11.69
CA PRO A 92 -12.17 -0.35 11.68
C PRO A 92 -13.10 -1.55 11.81
N PHE A 93 -12.54 -2.72 11.50
CA PHE A 93 -13.29 -3.96 11.62
C PHE A 93 -13.30 -4.44 13.08
N SER A 94 -14.08 -5.48 13.32
CA SER A 94 -14.15 -6.06 14.66
C SER A 94 -12.87 -6.82 14.98
N SER A 95 -12.53 -6.87 16.26
CA SER A 95 -11.28 -7.56 16.57
C SER A 95 -11.56 -9.03 16.89
N PRO A 96 -10.70 -9.93 16.44
CA PRO A 96 -10.86 -11.35 16.81
C PRO A 96 -10.47 -11.56 18.26
N PRO A 97 -10.92 -12.64 18.88
CA PRO A 97 -10.60 -12.90 20.29
C PRO A 97 -9.24 -13.56 20.42
N GLU A 98 -8.86 -13.80 21.68
CA GLU A 98 -7.57 -14.42 21.97
C GLU A 98 -7.44 -15.77 21.28
N LEU A 99 -6.27 -16.01 20.70
CA LEU A 99 -6.00 -17.32 20.11
C LEU A 99 -6.05 -18.37 21.20
N PRO A 100 -6.77 -19.48 21.00
CA PRO A 100 -6.95 -20.47 22.07
C PRO A 100 -5.62 -21.00 22.59
N ASP A 101 -5.70 -21.64 23.76
CA ASP A 101 -4.52 -22.18 24.42
C ASP A 101 -3.81 -23.24 23.58
N VAL A 102 -4.46 -23.76 22.55
CA VAL A 102 -3.94 -24.89 21.79
C VAL A 102 -3.27 -24.45 20.50
N MET A 103 -3.81 -23.41 19.85
CA MET A 103 -3.35 -22.99 18.53
C MET A 103 -2.02 -22.23 18.57
N LYS A 104 -1.36 -22.15 19.71
CA LYS A 104 -0.11 -21.43 19.81
C LYS A 104 1.06 -22.31 19.36
N PRO A 105 2.18 -21.68 18.92
CA PRO A 105 3.31 -22.47 18.41
C PRO A 105 3.87 -23.47 19.42
N GLN A 106 4.49 -22.96 20.49
CA GLN A 106 5.04 -23.78 21.56
C GLN A 106 6.01 -24.85 21.06
N ASP A 107 7.29 -24.52 20.95
CA ASP A 107 8.29 -25.51 20.60
C ASP A 107 9.66 -24.98 21.04
N SER A 108 10.25 -25.63 22.04
CA SER A 108 11.56 -25.22 22.54
C SER A 108 12.63 -26.22 22.14
N MET B 1 -24.95 -6.70 -11.07
CA MET B 1 -25.93 -6.41 -10.03
C MET B 1 -25.31 -6.62 -8.65
N TYR B 2 -25.59 -5.70 -7.73
CA TYR B 2 -24.94 -5.67 -6.43
C TYR B 2 -25.95 -5.98 -5.32
N VAL B 3 -25.50 -6.78 -4.35
CA VAL B 3 -26.26 -7.07 -3.15
C VAL B 3 -25.45 -6.58 -1.95
N LYS B 4 -26.12 -6.48 -0.81
CA LYS B 4 -25.52 -5.95 0.41
C LYS B 4 -25.56 -7.01 1.50
N LEU B 5 -24.42 -7.26 2.14
CA LEU B 5 -24.29 -8.24 3.20
C LEU B 5 -23.84 -7.53 4.47
N ILE B 6 -24.64 -7.63 5.54
CA ILE B 6 -24.37 -6.93 6.79
C ILE B 6 -23.75 -7.88 7.79
N SER B 7 -22.81 -7.38 8.56
CA SER B 7 -22.24 -8.13 9.67
C SER B 7 -22.98 -7.81 10.96
N SER B 8 -22.70 -8.61 11.99
CA SER B 8 -23.38 -8.41 13.27
C SER B 8 -23.00 -7.08 13.91
N ASP B 9 -21.72 -6.72 13.89
CA ASP B 9 -21.27 -5.47 14.48
C ASP B 9 -21.67 -4.25 13.67
N GLY B 10 -22.20 -4.44 12.47
CA GLY B 10 -22.83 -3.36 11.73
C GLY B 10 -22.12 -2.86 10.47
N HIS B 11 -21.28 -3.67 9.85
CA HIS B 11 -20.62 -3.26 8.61
C HIS B 11 -21.45 -3.69 7.40
N GLU B 12 -21.41 -2.88 6.35
CA GLU B 12 -22.22 -3.07 5.16
C GLU B 12 -21.30 -3.44 4.00
N PHE B 13 -21.38 -4.71 3.58
CA PHE B 13 -20.55 -5.24 2.50
C PHE B 13 -21.40 -5.37 1.23
N ILE B 14 -21.02 -4.64 0.19
CA ILE B 14 -21.73 -4.65 -1.09
C ILE B 14 -20.85 -5.37 -2.11
N VAL B 15 -21.35 -6.50 -2.62
CA VAL B 15 -20.64 -7.28 -3.62
C VAL B 15 -21.62 -7.62 -4.74
N LYS B 16 -21.05 -8.06 -5.87
CA LYS B 16 -21.86 -8.45 -7.01
C LYS B 16 -22.70 -9.68 -6.69
N ARG B 17 -23.76 -9.87 -7.48
CA ARG B 17 -24.67 -10.97 -7.22
C ARG B 17 -24.02 -12.32 -7.52
N GLU B 18 -23.32 -12.42 -8.66
CA GLU B 18 -22.61 -13.66 -8.98
C GLU B 18 -21.58 -13.99 -7.92
N HIS B 19 -21.07 -12.97 -7.22
CA HIS B 19 -20.13 -13.21 -6.13
C HIS B 19 -20.84 -13.77 -4.91
N ALA B 20 -21.99 -13.18 -4.55
CA ALA B 20 -22.74 -13.67 -3.40
C ALA B 20 -23.37 -15.02 -3.67
N LEU B 21 -23.74 -15.30 -4.91
CA LEU B 21 -24.29 -16.62 -5.24
C LEU B 21 -23.23 -17.71 -5.27
N THR B 22 -21.98 -17.41 -4.92
CA THR B 22 -21.02 -18.47 -4.66
C THR B 22 -21.46 -19.32 -3.48
N SER B 23 -21.89 -18.66 -2.40
CA SER B 23 -22.44 -19.37 -1.25
C SER B 23 -23.83 -19.89 -1.59
N GLY B 24 -24.01 -21.21 -1.46
CA GLY B 24 -25.33 -21.78 -1.67
C GLY B 24 -26.34 -21.28 -0.67
N THR B 25 -25.90 -21.06 0.57
CA THR B 25 -26.79 -20.53 1.61
C THR B 25 -27.35 -19.17 1.21
N ILE B 26 -26.52 -18.33 0.59
CA ILE B 26 -26.97 -16.98 0.22
C ILE B 26 -27.90 -17.03 -0.99
N LYS B 27 -27.72 -18.02 -1.87
CA LYS B 27 -28.65 -18.19 -2.98
C LYS B 27 -30.09 -18.27 -2.49
N ALA B 28 -30.31 -18.90 -1.34
CA ALA B 28 -31.66 -19.13 -0.84
C ALA B 28 -32.22 -17.94 -0.08
N MET B 29 -31.37 -17.26 0.70
CA MET B 29 -31.84 -16.12 1.48
C MET B 29 -32.36 -15.00 0.59
N LEU B 30 -31.91 -14.94 -0.66
CA LEU B 30 -32.31 -13.90 -1.60
C LEU B 30 -32.84 -14.51 -2.90
N SER B 31 -33.37 -15.73 -2.83
CA SER B 31 -33.96 -16.34 -4.02
C SER B 31 -35.21 -15.59 -4.48
N GLY B 32 -36.01 -15.10 -3.53
CA GLY B 32 -37.21 -14.37 -3.85
C GLY B 32 -38.38 -14.84 -3.02
N PRO B 33 -39.23 -13.89 -2.59
CA PRO B 33 -40.40 -14.21 -1.76
C PRO B 33 -41.58 -14.74 -2.57
N ASN B 42 -30.96 -6.84 -3.40
CA ASN B 42 -31.42 -7.44 -2.16
C ASN B 42 -30.49 -7.08 -1.00
N GLU B 43 -30.85 -7.51 0.21
CA GLU B 43 -30.11 -7.17 1.41
C GLU B 43 -30.21 -8.33 2.39
N VAL B 44 -29.09 -8.64 3.05
CA VAL B 44 -28.99 -9.78 3.95
C VAL B 44 -28.27 -9.35 5.22
N ASN B 45 -28.76 -9.82 6.36
CA ASN B 45 -28.11 -9.63 7.65
C ASN B 45 -27.54 -10.95 8.16
N PHE B 46 -26.35 -10.88 8.75
CA PHE B 46 -25.70 -12.03 9.39
C PHE B 46 -25.39 -11.63 10.82
N ARG B 47 -26.24 -12.07 11.75
CA ARG B 47 -26.20 -11.58 13.12
C ARG B 47 -25.26 -12.38 14.03
N GLU B 48 -24.61 -13.41 13.52
CA GLU B 48 -23.56 -14.10 14.27
C GLU B 48 -22.19 -13.98 13.59
N ILE B 49 -22.12 -13.35 12.43
CA ILE B 49 -20.87 -13.17 11.69
C ILE B 49 -20.39 -11.74 11.94
N PRO B 50 -19.24 -11.55 12.61
CA PRO B 50 -18.71 -10.19 12.77
C PRO B 50 -18.22 -9.60 11.45
N SER B 51 -17.58 -8.44 11.52
CA SER B 51 -17.10 -7.77 10.30
C SER B 51 -15.78 -8.37 9.83
N HIS B 52 -14.89 -8.71 10.75
CA HIS B 52 -13.58 -9.23 10.36
C HIS B 52 -13.68 -10.61 9.72
N VAL B 53 -14.80 -11.30 9.90
CA VAL B 53 -15.03 -12.58 9.23
C VAL B 53 -15.74 -12.39 7.90
N LEU B 54 -16.82 -11.60 7.90
CA LEU B 54 -17.59 -11.39 6.68
C LEU B 54 -16.75 -10.71 5.60
N SER B 55 -15.77 -9.90 6.00
CA SER B 55 -14.88 -9.28 5.02
C SER B 55 -14.01 -10.34 4.32
N LYS B 56 -13.43 -11.24 5.10
CA LYS B 56 -12.64 -12.33 4.51
C LYS B 56 -13.53 -13.26 3.68
N VAL B 57 -14.77 -13.47 4.10
CA VAL B 57 -15.71 -14.26 3.30
C VAL B 57 -15.96 -13.57 1.96
N CYS B 58 -16.13 -12.25 1.98
CA CYS B 58 -16.34 -11.51 0.73
C CYS B 58 -15.10 -11.57 -0.16
N MET B 59 -13.91 -11.67 0.42
CA MET B 59 -12.71 -11.82 -0.39
C MET B 59 -12.69 -13.16 -1.10
N TYR B 60 -13.16 -14.22 -0.44
CA TYR B 60 -13.19 -15.53 -1.06
C TYR B 60 -14.12 -15.55 -2.26
N PHE B 61 -15.23 -14.81 -2.19
CA PHE B 61 -16.12 -14.67 -3.33
C PHE B 61 -15.36 -14.15 -4.55
N THR B 62 -14.62 -13.05 -4.37
CA THR B 62 -13.78 -12.53 -5.44
C THR B 62 -12.70 -13.53 -5.83
N TYR B 63 -12.17 -14.28 -4.85
CA TYR B 63 -11.11 -15.22 -5.13
C TYR B 63 -11.59 -16.38 -6.00
N LYS B 64 -12.79 -16.90 -5.72
CA LYS B 64 -13.30 -18.02 -6.50
C LYS B 64 -13.79 -17.56 -7.88
N VAL B 65 -14.50 -16.44 -7.94
CA VAL B 65 -14.98 -15.93 -9.22
C VAL B 65 -13.81 -15.64 -10.16
N ARG B 66 -12.68 -15.22 -9.61
CA ARG B 66 -11.52 -14.87 -10.43
C ARG B 66 -10.78 -16.11 -10.93
N TYR B 67 -10.46 -17.03 -10.02
CA TYR B 67 -9.50 -18.09 -10.32
C TYR B 67 -10.14 -19.42 -10.71
N THR B 68 -11.46 -19.55 -10.62
CA THR B 68 -12.10 -20.76 -11.12
C THR B 68 -12.00 -20.80 -12.64
N ASN B 69 -11.59 -21.96 -13.17
CA ASN B 69 -11.41 -22.23 -14.59
C ASN B 69 -10.15 -21.57 -15.15
N SER B 70 -9.64 -20.57 -14.45
CA SER B 70 -8.51 -19.79 -14.96
C SER B 70 -7.24 -20.65 -15.01
N SER B 71 -6.59 -20.66 -16.17
CA SER B 71 -5.37 -21.45 -16.37
C SER B 71 -4.13 -20.79 -15.77
N THR B 72 -4.28 -19.64 -15.11
CA THR B 72 -3.15 -18.97 -14.51
C THR B 72 -2.65 -19.75 -13.30
N GLU B 73 -1.50 -19.31 -12.78
CA GLU B 73 -1.01 -19.86 -11.52
C GLU B 73 -1.87 -19.36 -10.38
N ILE B 74 -2.56 -20.28 -9.71
CA ILE B 74 -3.48 -19.92 -8.63
C ILE B 74 -2.68 -19.76 -7.34
N PRO B 75 -2.75 -18.61 -6.67
CA PRO B 75 -2.02 -18.42 -5.42
C PRO B 75 -2.82 -18.89 -4.22
N GLU B 76 -2.10 -19.08 -3.12
CA GLU B 76 -2.72 -19.52 -1.88
C GLU B 76 -3.72 -18.47 -1.39
N PHE B 77 -4.83 -18.94 -0.82
CA PHE B 77 -5.78 -18.06 -0.17
C PHE B 77 -5.41 -17.97 1.31
N PRO B 78 -4.96 -16.82 1.80
CA PRO B 78 -4.41 -16.76 3.16
C PRO B 78 -5.49 -16.62 4.22
N ILE B 79 -5.24 -17.24 5.37
CA ILE B 79 -6.12 -17.16 6.54
C ILE B 79 -5.25 -17.01 7.77
N ALA B 80 -5.51 -15.97 8.57
CA ALA B 80 -4.79 -15.78 9.81
C ALA B 80 -5.30 -16.76 10.88
N PRO B 81 -4.40 -17.24 11.76
CA PRO B 81 -4.84 -18.22 12.77
C PRO B 81 -5.94 -17.71 13.68
N GLU B 82 -5.89 -16.44 14.09
CA GLU B 82 -6.88 -15.93 15.03
C GLU B 82 -8.27 -15.88 14.43
N ILE B 83 -8.38 -15.77 13.10
CA ILE B 83 -9.67 -15.79 12.43
C ILE B 83 -9.96 -17.14 11.78
N ALA B 84 -9.06 -18.11 11.90
CA ALA B 84 -9.25 -19.40 11.25
C ALA B 84 -10.41 -20.16 11.86
N LEU B 85 -10.55 -20.10 13.19
CA LEU B 85 -11.65 -20.82 13.85
C LEU B 85 -13.00 -20.22 13.48
N GLU B 86 -13.08 -18.89 13.40
CA GLU B 86 -14.36 -18.26 13.07
C GLU B 86 -14.70 -18.41 11.60
N LEU B 87 -13.69 -18.27 10.72
CA LEU B 87 -13.93 -18.39 9.29
C LEU B 87 -14.38 -19.80 8.91
N LEU B 88 -13.93 -20.80 9.66
CA LEU B 88 -14.34 -22.18 9.40
C LEU B 88 -15.82 -22.37 9.73
N MET B 89 -16.26 -21.89 10.89
CA MET B 89 -17.65 -22.03 11.28
C MET B 89 -18.57 -21.31 10.30
N ALA B 90 -18.17 -20.12 9.85
CA ALA B 90 -18.94 -19.41 8.84
C ALA B 90 -18.93 -20.15 7.52
N ALA B 91 -17.77 -20.66 7.11
CA ALA B 91 -17.68 -21.40 5.86
C ALA B 91 -18.57 -22.64 5.88
N ASN B 92 -18.59 -23.34 7.02
CA ASN B 92 -19.53 -24.45 7.18
C ASN B 92 -20.96 -23.97 7.07
N PHE B 93 -21.30 -22.91 7.81
CA PHE B 93 -22.67 -22.41 7.81
C PHE B 93 -23.04 -21.79 6.47
N LEU B 94 -22.16 -20.97 5.89
CA LEU B 94 -22.45 -20.32 4.63
C LEU B 94 -22.37 -21.29 3.45
N ASP B 95 -21.73 -22.45 3.64
CA ASP B 95 -21.57 -23.45 2.60
C ASP B 95 -20.90 -22.87 1.36
N CYS B 96 -19.56 -22.86 1.36
CA CYS B 96 -18.80 -22.35 0.22
C CYS B 96 -17.35 -22.79 0.32
N ARG C 8 -14.81 -54.01 -10.30
CA ARG C 8 -14.90 -55.00 -9.23
C ARG C 8 -13.68 -55.93 -9.14
N PRO C 9 -13.20 -56.48 -10.28
CA PRO C 9 -11.97 -57.29 -10.22
C PRO C 9 -10.76 -56.45 -9.86
N ARG C 10 -10.14 -55.84 -10.86
CA ARG C 10 -8.99 -54.95 -10.83
C ARG C 10 -9.44 -53.50 -10.74
N PRO C 11 -8.74 -52.65 -9.99
CA PRO C 11 -9.00 -51.20 -10.10
C PRO C 11 -8.50 -50.68 -11.43
N VAL C 12 -9.22 -49.68 -11.94
CA VAL C 12 -8.99 -49.19 -13.30
C VAL C 12 -8.13 -47.93 -13.38
N LEU C 13 -8.05 -47.15 -12.31
CA LEU C 13 -7.06 -46.07 -12.27
C LEU C 13 -5.67 -46.68 -12.17
N ARG C 14 -5.06 -46.93 -13.32
CA ARG C 14 -3.81 -47.69 -13.37
C ARG C 14 -3.08 -47.34 -14.67
N SER C 15 -1.83 -47.78 -14.74
CA SER C 15 -0.97 -47.53 -15.89
C SER C 15 -0.78 -48.81 -16.69
N VAL C 16 -0.55 -48.64 -17.98
CA VAL C 16 -0.17 -49.76 -18.84
C VAL C 16 1.34 -49.93 -18.79
N ASN C 17 1.79 -51.14 -19.08
CA ASN C 17 3.21 -51.39 -19.31
C ASN C 17 3.53 -51.22 -20.80
N SER C 18 3.45 -49.98 -21.22
CA SER C 18 3.67 -49.65 -22.62
C SER C 18 5.07 -49.64 -23.06
N ARG C 19 5.93 -49.75 -22.09
CA ARG C 19 7.37 -49.87 -22.30
C ARG C 19 7.95 -48.75 -23.14
N GLU C 20 7.11 -47.80 -23.57
CA GLU C 20 7.56 -46.70 -24.41
C GLU C 20 7.95 -45.52 -23.55
N PRO C 21 9.20 -45.06 -23.59
CA PRO C 21 9.63 -43.96 -22.71
C PRO C 21 8.93 -42.66 -23.08
N SER C 22 9.03 -41.69 -22.16
CA SER C 22 8.41 -40.39 -22.35
C SER C 22 9.07 -39.38 -21.42
N GLN C 23 9.53 -38.26 -21.98
CA GLN C 23 10.08 -37.17 -21.19
C GLN C 23 8.94 -36.40 -20.52
N VAL C 24 9.06 -36.17 -19.22
CA VAL C 24 8.04 -35.47 -18.44
C VAL C 24 8.75 -34.50 -17.51
N ILE C 25 8.17 -33.30 -17.37
CA ILE C 25 8.68 -32.27 -16.48
C ILE C 25 7.56 -31.86 -15.53
N PHE C 26 7.82 -31.99 -14.22
CA PHE C 26 6.91 -31.48 -13.20
C PHE C 26 7.32 -30.05 -12.85
N CYS C 27 6.39 -29.11 -12.98
CA CYS C 27 6.57 -27.74 -12.50
C CYS C 27 5.64 -27.51 -11.32
N ASN C 28 6.19 -26.95 -10.26
CA ASN C 28 5.46 -26.73 -9.01
C ASN C 28 5.07 -25.26 -8.95
N ARG C 29 3.95 -24.92 -9.57
CA ARG C 29 3.38 -23.58 -9.46
C ARG C 29 2.38 -23.49 -8.31
N SER C 30 2.82 -23.98 -7.15
CA SER C 30 2.05 -23.97 -5.92
C SER C 30 2.99 -23.72 -4.76
N PRO C 31 2.51 -23.08 -3.68
CA PRO C 31 3.37 -22.85 -2.52
C PRO C 31 3.61 -24.08 -1.66
N ARG C 32 2.92 -25.19 -1.95
CA ARG C 32 3.06 -26.40 -1.14
C ARG C 32 4.27 -27.22 -1.61
N VAL C 33 4.69 -28.14 -0.74
CA VAL C 33 5.67 -29.15 -1.12
C VAL C 33 4.92 -30.28 -1.80
N VAL C 34 5.05 -30.39 -3.12
CA VAL C 34 4.26 -31.33 -3.89
C VAL C 34 4.88 -32.72 -3.79
N LEU C 35 4.02 -33.73 -3.68
CA LEU C 35 4.45 -35.13 -3.67
C LEU C 35 3.95 -35.81 -4.93
N PRO C 36 4.80 -36.05 -5.92
CA PRO C 36 4.34 -36.76 -7.12
C PRO C 36 4.08 -38.22 -6.82
N VAL C 37 3.00 -38.76 -7.41
CA VAL C 37 2.54 -40.11 -7.13
C VAL C 37 2.21 -40.80 -8.45
N TRP C 38 2.78 -41.99 -8.65
CA TRP C 38 2.52 -42.79 -9.83
C TRP C 38 1.73 -44.03 -9.45
N LEU C 39 0.62 -44.27 -10.14
CA LEU C 39 -0.17 -45.47 -9.94
C LEU C 39 0.43 -46.61 -10.76
N ASN C 40 0.83 -47.68 -10.08
CA ASN C 40 1.43 -48.80 -10.78
C ASN C 40 0.39 -49.54 -11.62
N PHE C 41 0.83 -50.58 -12.31
CA PHE C 41 -0.04 -51.33 -13.21
C PHE C 41 -1.15 -52.07 -12.49
N ASP C 42 -1.23 -51.99 -11.16
CA ASP C 42 -2.27 -52.61 -10.39
C ASP C 42 -3.17 -51.61 -9.68
N GLY C 43 -2.99 -50.32 -9.94
CA GLY C 43 -3.77 -49.28 -9.29
C GLY C 43 -3.17 -48.73 -8.01
N GLU C 44 -2.15 -49.38 -7.46
CA GLU C 44 -1.57 -48.92 -6.20
C GLU C 44 -0.68 -47.71 -6.43
N PRO C 45 -0.80 -46.67 -5.62
CA PRO C 45 0.00 -45.46 -5.83
C PRO C 45 1.43 -45.63 -5.33
N GLN C 46 2.39 -45.24 -6.17
CA GLN C 46 3.80 -45.20 -5.78
C GLN C 46 4.21 -43.76 -5.52
N PRO C 47 4.61 -43.39 -4.32
CA PRO C 47 5.14 -42.04 -4.09
C PRO C 47 6.55 -41.88 -4.64
N TYR C 48 6.90 -40.62 -4.91
CA TYR C 48 8.16 -40.26 -5.52
C TYR C 48 8.70 -39.03 -4.80
N PRO C 49 10.00 -38.74 -4.93
CA PRO C 49 10.60 -37.67 -4.11
C PRO C 49 9.88 -36.34 -4.30
N THR C 50 9.75 -35.61 -3.19
CA THR C 50 8.92 -34.41 -3.14
C THR C 50 9.53 -33.30 -3.99
N LEU C 51 8.69 -32.31 -4.30
CA LEU C 51 9.07 -31.15 -5.11
C LEU C 51 8.94 -29.90 -4.26
N PRO C 52 10.00 -29.11 -4.10
CA PRO C 52 9.87 -27.84 -3.39
C PRO C 52 9.06 -26.86 -4.21
N PRO C 53 8.45 -25.85 -3.58
CA PRO C 53 7.63 -24.90 -4.33
C PRO C 53 8.47 -24.10 -5.32
N GLY C 54 7.90 -23.91 -6.52
CA GLY C 54 8.55 -23.13 -7.55
C GLY C 54 9.68 -23.82 -8.29
N THR C 55 9.83 -25.13 -8.12
CA THR C 55 10.92 -25.86 -8.73
C THR C 55 10.41 -26.78 -9.83
N GLY C 56 11.35 -27.19 -10.69
CA GLY C 56 11.05 -28.09 -11.79
C GLY C 56 11.91 -29.34 -11.71
N ARG C 57 11.58 -30.31 -12.58
CA ARG C 57 12.28 -31.58 -12.62
C ARG C 57 11.91 -32.39 -13.85
N ARG C 58 12.88 -32.74 -14.69
CA ARG C 58 12.63 -33.73 -15.73
C ARG C 58 12.51 -35.11 -15.10
N ILE C 59 11.56 -35.89 -15.61
CA ILE C 59 11.23 -37.19 -15.03
C ILE C 59 11.09 -38.20 -16.16
N HIS C 60 11.78 -39.34 -16.03
CA HIS C 60 11.72 -40.40 -17.03
C HIS C 60 10.58 -41.34 -16.65
N SER C 61 9.38 -41.03 -17.13
CA SER C 61 8.24 -41.92 -17.02
C SER C 61 8.00 -42.58 -18.38
N TYR C 62 6.84 -43.22 -18.53
CA TYR C 62 6.54 -43.96 -19.75
C TYR C 62 5.17 -43.57 -20.30
N ARG C 63 5.07 -43.65 -21.62
CA ARG C 63 3.85 -43.39 -22.37
C ARG C 63 2.68 -44.17 -21.80
N GLY C 64 1.65 -43.45 -21.35
CA GLY C 64 0.46 -44.09 -20.84
C GLY C 64 0.48 -44.45 -19.37
N HIS C 65 1.17 -43.67 -18.55
CA HIS C 65 1.13 -43.84 -17.10
C HIS C 65 0.22 -42.80 -16.48
N LEU C 66 -0.01 -42.93 -15.17
CA LEU C 66 -0.87 -42.03 -14.44
C LEU C 66 -0.10 -41.39 -13.29
N TRP C 67 -0.30 -40.09 -13.12
CA TRP C 67 0.38 -39.31 -12.07
C TRP C 67 -0.62 -38.42 -11.37
N LEU C 68 -0.63 -38.47 -10.04
CA LEU C 68 -1.39 -37.56 -9.21
C LEU C 68 -0.44 -36.88 -8.23
N PHE C 69 -0.81 -35.68 -7.81
CA PHE C 69 0.07 -34.85 -6.99
C PHE C 69 -0.71 -34.29 -5.80
N ARG C 70 -0.10 -34.37 -4.62
CA ARG C 70 -0.72 -33.91 -3.39
C ARG C 70 0.29 -33.12 -2.57
N ASP C 71 -0.21 -32.44 -1.54
CA ASP C 71 0.66 -31.84 -0.54
C ASP C 71 1.41 -32.94 0.20
N ALA C 72 2.74 -32.81 0.27
CA ALA C 72 3.53 -33.88 0.86
C ALA C 72 3.26 -34.04 2.35
N GLY C 73 2.87 -32.98 3.03
CA GLY C 73 2.68 -33.04 4.46
C GLY C 73 1.24 -33.27 4.89
N THR C 74 0.31 -32.57 4.25
CA THR C 74 -1.10 -32.61 4.63
C THR C 74 -1.94 -33.50 3.73
N HIS C 75 -1.38 -34.00 2.63
CA HIS C 75 -2.09 -34.79 1.63
C HIS C 75 -3.21 -34.01 0.95
N ASP C 76 -3.17 -32.68 1.03
CA ASP C 76 -4.16 -31.85 0.34
C ASP C 76 -4.09 -32.09 -1.16
N GLY C 77 -5.26 -32.13 -1.80
CA GLY C 77 -5.31 -32.38 -3.22
C GLY C 77 -4.75 -31.23 -4.03
N LEU C 78 -4.11 -31.57 -5.14
CA LEU C 78 -3.54 -30.59 -6.05
C LEU C 78 -3.94 -30.93 -7.48
N LEU C 79 -4.07 -29.89 -8.31
CA LEU C 79 -4.36 -30.06 -9.71
C LEU C 79 -3.08 -30.01 -10.53
N VAL C 80 -3.07 -30.78 -11.61
CA VAL C 80 -1.99 -30.74 -12.60
C VAL C 80 -2.61 -30.51 -13.97
N ASN C 81 -2.10 -29.51 -14.69
CA ASN C 81 -2.67 -29.10 -15.97
C ASN C 81 -4.19 -28.89 -15.87
N GLN C 82 -4.61 -28.28 -14.75
CA GLN C 82 -5.99 -27.96 -14.43
C GLN C 82 -6.88 -29.18 -14.25
N THR C 83 -6.31 -30.38 -14.13
CA THR C 83 -7.10 -31.59 -13.94
C THR C 83 -6.49 -32.44 -12.84
N GLU C 84 -7.13 -33.55 -12.53
CA GLU C 84 -6.72 -34.38 -11.40
C GLU C 84 -5.47 -35.19 -11.72
N LEU C 85 -5.52 -36.02 -12.75
CA LEU C 85 -4.43 -36.92 -13.08
C LEU C 85 -3.74 -36.49 -14.36
N PHE C 86 -2.53 -37.02 -14.56
CA PHE C 86 -1.65 -36.64 -15.66
C PHE C 86 -1.23 -37.89 -16.43
N VAL C 87 -1.24 -37.80 -17.75
CA VAL C 87 -0.92 -38.93 -18.62
C VAL C 87 0.23 -38.57 -19.57
N PRO C 88 1.40 -39.18 -19.42
CA PRO C 88 2.47 -38.98 -20.41
C PRO C 88 2.06 -39.49 -21.78
N SER C 89 2.83 -39.09 -22.79
CA SER C 89 2.52 -39.41 -24.17
C SER C 89 3.78 -39.24 -25.00
N LEU C 90 3.64 -39.33 -26.34
CA LEU C 90 4.79 -39.19 -27.22
C LEU C 90 5.39 -37.79 -27.13
N ASN C 91 6.71 -37.73 -27.29
CA ASN C 91 7.46 -36.49 -27.27
C ASN C 91 7.69 -36.07 -28.72
N VAL C 92 6.72 -35.34 -29.28
CA VAL C 92 6.73 -35.01 -30.69
C VAL C 92 7.81 -33.96 -30.95
N ASP C 93 8.90 -34.38 -31.60
CA ASP C 93 9.97 -33.48 -32.04
C ASP C 93 10.70 -32.85 -30.85
N GLY C 94 11.38 -33.66 -30.05
CA GLY C 94 12.13 -33.16 -28.92
C GLY C 94 11.28 -32.93 -27.68
N GLN C 95 10.28 -32.06 -27.81
CA GLN C 95 9.26 -31.67 -26.84
C GLN C 95 9.17 -32.56 -25.60
N PRO C 96 9.57 -32.08 -24.43
CA PRO C 96 9.17 -32.75 -23.19
C PRO C 96 7.78 -32.30 -22.77
N ILE C 97 7.11 -33.15 -22.01
CA ILE C 97 5.74 -32.90 -21.61
C ILE C 97 5.72 -32.24 -20.24
N PHE C 98 4.98 -31.14 -20.12
CA PHE C 98 4.96 -30.33 -18.91
C PHE C 98 3.77 -30.73 -18.04
N ALA C 99 4.03 -30.93 -16.75
CA ALA C 99 3.01 -31.25 -15.76
C ALA C 99 3.00 -30.13 -14.73
N ASN C 100 2.29 -29.05 -15.06
CA ASN C 100 2.26 -27.86 -14.22
C ASN C 100 1.35 -28.12 -13.03
N ILE C 101 1.94 -28.48 -11.89
CA ILE C 101 1.17 -28.73 -10.68
C ILE C 101 0.70 -27.39 -10.11
N THR C 102 -0.60 -27.29 -9.86
CA THR C 102 -1.19 -26.05 -9.37
C THR C 102 -2.14 -26.34 -8.21
N LEU C 103 -2.44 -25.30 -7.45
CA LEU C 103 -3.47 -25.38 -6.44
C LEU C 103 -4.85 -25.43 -7.08
N PRO C 104 -5.80 -26.12 -6.46
CA PRO C 104 -7.20 -25.97 -6.85
C PRO C 104 -7.88 -24.88 -6.03
N VAL C 105 -8.96 -24.34 -6.59
CA VAL C 105 -9.75 -23.35 -5.87
C VAL C 105 -10.52 -24.09 -4.77
N TYR C 106 -9.87 -24.25 -3.61
CA TYR C 106 -10.48 -24.98 -2.51
C TYR C 106 -11.79 -24.33 -2.10
N THR C 107 -12.70 -25.15 -1.58
CA THR C 107 -13.85 -24.61 -0.87
C THR C 107 -13.35 -23.93 0.41
N LEU C 108 -13.99 -22.81 0.76
CA LEU C 108 -13.54 -22.06 1.93
C LEU C 108 -13.60 -22.92 3.20
N LYS C 109 -14.55 -23.85 3.26
CA LYS C 109 -14.61 -24.78 4.39
C LYS C 109 -13.38 -25.67 4.42
N GLU C 110 -13.09 -26.36 3.31
CA GLU C 110 -11.92 -27.22 3.27
C GLU C 110 -10.63 -26.44 3.45
N ARG C 111 -10.60 -25.18 2.98
CA ARG C 111 -9.41 -24.36 3.17
C ARG C 111 -9.21 -24.01 4.64
N CYS C 112 -10.29 -23.69 5.35
CA CYS C 112 -10.17 -23.36 6.77
C CYS C 112 -9.74 -24.58 7.58
N LEU C 113 -10.25 -25.76 7.23
CA LEU C 113 -9.79 -26.98 7.88
C LEU C 113 -8.30 -27.18 7.64
N GLN C 114 -7.83 -26.86 6.43
CA GLN C 114 -6.41 -26.98 6.12
C GLN C 114 -5.56 -26.20 7.10
N VAL C 115 -5.97 -24.96 7.42
CA VAL C 115 -5.20 -24.12 8.33
C VAL C 115 -5.25 -24.69 9.74
N VAL C 116 -6.46 -25.03 10.22
CA VAL C 116 -6.61 -25.48 11.60
C VAL C 116 -5.88 -26.80 11.82
N ARG C 117 -5.93 -27.70 10.83
CA ARG C 117 -5.23 -28.97 10.96
C ARG C 117 -3.72 -28.76 11.09
N SER C 118 -3.20 -27.65 10.57
CA SER C 118 -1.78 -27.33 10.66
C SER C 118 -1.43 -26.57 11.92
N LEU C 119 -2.41 -26.19 12.74
CA LEU C 119 -2.16 -25.51 14.01
C LEU C 119 -2.42 -26.43 15.19
N VAL C 120 -3.64 -26.97 15.30
CA VAL C 120 -3.94 -27.97 16.32
C VAL C 120 -3.61 -29.34 15.74
N LYS C 121 -3.22 -30.26 16.62
CA LYS C 121 -2.81 -31.57 16.14
C LYS C 121 -3.74 -32.65 16.72
N PRO C 122 -3.96 -33.77 15.98
CA PRO C 122 -5.14 -34.63 16.18
C PRO C 122 -5.85 -34.59 17.53
N GLU C 123 -5.15 -34.99 18.60
CA GLU C 123 -5.79 -35.17 19.90
C GLU C 123 -6.43 -33.90 20.44
N ASN C 124 -6.20 -32.75 19.83
CA ASN C 124 -6.82 -31.50 20.24
C ASN C 124 -7.95 -31.07 19.30
N TYR C 125 -8.27 -31.87 18.28
CA TYR C 125 -9.39 -31.54 17.40
C TYR C 125 -10.70 -31.47 18.17
N ARG C 126 -10.86 -32.31 19.19
CA ARG C 126 -12.05 -32.31 20.03
C ARG C 126 -11.88 -31.46 21.28
N ARG C 127 -10.78 -30.71 21.37
CA ARG C 127 -10.60 -29.71 22.42
C ARG C 127 -10.98 -28.31 21.94
N LEU C 128 -11.75 -28.22 20.86
CA LEU C 128 -12.13 -26.95 20.26
C LEU C 128 -13.63 -26.76 20.42
N ASP C 129 -14.03 -25.54 20.83
CA ASP C 129 -15.43 -25.22 21.04
C ASP C 129 -16.06 -24.80 19.71
N ILE C 130 -16.36 -25.81 18.89
CA ILE C 130 -17.00 -25.60 17.60
C ILE C 130 -18.18 -26.55 17.49
N VAL C 131 -18.96 -26.39 16.41
CA VAL C 131 -20.17 -27.18 16.24
C VAL C 131 -19.82 -28.65 16.08
N ARG C 132 -20.79 -29.51 16.39
CA ARG C 132 -20.62 -30.96 16.42
C ARG C 132 -19.96 -31.50 15.15
N SER C 133 -20.65 -31.41 14.02
CA SER C 133 -20.15 -32.01 12.78
C SER C 133 -19.00 -31.20 12.19
N LEU C 134 -17.97 -30.92 13.00
CA LEU C 134 -16.76 -30.28 12.51
C LEU C 134 -15.52 -31.01 13.01
N TYR C 135 -15.62 -31.62 14.19
CA TYR C 135 -14.56 -32.53 14.62
C TYR C 135 -14.40 -33.68 13.64
N GLU C 136 -15.51 -34.19 13.11
CA GLU C 136 -15.45 -35.24 12.11
C GLU C 136 -14.80 -34.75 10.82
N ASP C 137 -15.14 -33.52 10.40
CA ASP C 137 -14.52 -32.95 9.22
C ASP C 137 -13.03 -32.69 9.44
N LEU C 138 -12.66 -32.26 10.66
CA LEU C 138 -11.26 -32.07 10.97
C LEU C 138 -10.50 -33.39 10.96
N GLU C 139 -11.10 -34.45 11.50
CA GLU C 139 -10.47 -35.75 11.54
C GLU C 139 -10.51 -36.47 10.19
N ASP C 140 -11.40 -36.04 9.29
CA ASP C 140 -11.47 -36.61 7.94
C ASP C 140 -10.43 -35.91 7.07
N HIS C 141 -9.19 -36.38 7.18
CA HIS C 141 -8.08 -35.79 6.45
C HIS C 141 -8.14 -36.18 4.98
N PRO C 142 -7.50 -35.39 4.11
CA PRO C 142 -7.49 -35.74 2.68
C PRO C 142 -6.77 -37.05 2.44
N ASN C 143 -7.44 -37.96 1.75
CA ASN C 143 -6.95 -39.31 1.53
C ASN C 143 -6.88 -39.61 0.05
N VAL C 144 -5.75 -40.14 -0.40
CA VAL C 144 -5.58 -40.47 -1.81
C VAL C 144 -6.36 -41.73 -2.16
N GLN C 145 -6.20 -42.78 -1.36
CA GLN C 145 -6.88 -44.04 -1.62
C GLN C 145 -8.39 -43.86 -1.69
N LYS C 146 -8.94 -42.94 -0.89
CA LYS C 146 -10.38 -42.70 -0.91
C LYS C 146 -10.77 -41.75 -2.03
N ASP C 147 -9.92 -40.77 -2.36
CA ASP C 147 -10.19 -39.89 -3.49
C ASP C 147 -10.10 -40.63 -4.82
N LEU C 148 -9.36 -41.74 -4.87
CA LEU C 148 -9.38 -42.58 -6.06
C LEU C 148 -10.68 -43.36 -6.16
N GLU C 149 -11.19 -43.84 -5.02
CA GLU C 149 -12.51 -44.47 -5.00
C GLU C 149 -13.57 -43.48 -5.45
N ARG C 150 -13.50 -42.24 -4.96
CA ARG C 150 -14.44 -41.22 -5.39
C ARG C 150 -14.28 -40.89 -6.87
N LEU C 151 -13.04 -40.63 -7.31
CA LEU C 151 -12.81 -40.28 -8.71
C LEU C 151 -13.25 -41.40 -9.64
N THR C 152 -13.09 -42.66 -9.22
CA THR C 152 -13.61 -43.77 -10.01
C THR C 152 -15.13 -43.78 -10.02
N GLN C 153 -15.74 -43.66 -8.83
CA GLN C 153 -17.20 -43.74 -8.73
C GLN C 153 -17.88 -42.58 -9.45
N GLU C 154 -17.21 -41.43 -9.54
CA GLU C 154 -17.83 -40.28 -10.19
C GLU C 154 -18.10 -40.56 -11.67
N ARG C 155 -17.07 -40.97 -12.41
CA ARG C 155 -17.20 -41.10 -13.86
C ARG C 155 -17.98 -42.35 -14.26
N ILE C 156 -18.12 -43.33 -13.37
CA ILE C 156 -18.84 -44.56 -13.70
C ILE C 156 -20.23 -44.24 -14.23
N ALA C 157 -20.90 -43.25 -13.63
CA ALA C 157 -22.23 -42.86 -14.07
C ALA C 157 -22.25 -42.16 -15.42
N HIS C 158 -21.09 -41.87 -16.01
CA HIS C 158 -21.03 -41.15 -17.27
C HIS C 158 -20.87 -42.11 -18.46
N MET D 1 12.67 7.44 -11.00
CA MET D 1 12.50 8.25 -9.80
C MET D 1 12.82 7.46 -8.54
N ASP D 2 13.16 8.16 -7.47
CA ASP D 2 13.49 7.55 -6.19
C ASP D 2 12.27 7.52 -5.28
N VAL D 3 12.12 6.41 -4.56
CA VAL D 3 11.06 6.27 -3.57
C VAL D 3 11.66 6.50 -2.18
N PHE D 4 10.88 7.10 -1.29
CA PHE D 4 11.32 7.43 0.05
C PHE D 4 10.48 6.64 1.05
N LEU D 5 11.14 6.03 2.03
CA LEU D 5 10.52 4.98 2.82
C LEU D 5 10.76 5.19 4.31
N MET D 6 9.90 4.54 5.11
CA MET D 6 10.13 4.32 6.53
C MET D 6 10.11 2.82 6.77
N ILE D 7 11.21 2.28 7.27
CA ILE D 7 11.28 0.88 7.66
C ILE D 7 10.94 0.77 9.14
N ARG D 8 9.85 0.07 9.44
CA ARG D 8 9.25 0.10 10.76
C ARG D 8 9.22 -1.29 11.37
N ARG D 9 9.79 -1.43 12.57
CA ARG D 9 9.73 -2.68 13.32
C ARG D 9 9.56 -2.34 14.79
N HIS D 10 8.44 -2.78 15.37
CA HIS D 10 8.10 -2.50 16.76
C HIS D 10 8.22 -1.00 17.04
N LYS D 11 9.32 -0.58 17.65
CA LYS D 11 9.54 0.81 18.03
C LYS D 11 10.72 1.42 17.28
N THR D 12 10.97 0.97 16.06
CA THR D 12 12.10 1.42 15.26
C THR D 12 11.59 1.93 13.92
N THR D 13 12.08 3.11 13.52
CA THR D 13 11.74 3.71 12.23
C THR D 13 13.02 4.21 11.57
N ILE D 14 13.22 3.84 10.31
CA ILE D 14 14.42 4.18 9.56
C ILE D 14 14.02 5.04 8.38
N PHE D 15 14.48 6.29 8.36
CA PHE D 15 14.17 7.23 7.28
C PHE D 15 15.28 7.15 6.24
N THR D 16 15.05 6.32 5.22
CA THR D 16 16.02 6.15 4.14
C THR D 16 15.29 6.07 2.82
N ASP D 17 16.04 6.25 1.74
CA ASP D 17 15.51 6.20 0.39
C ASP D 17 16.25 5.14 -0.42
N ALA D 18 15.67 4.81 -1.58
CA ALA D 18 16.27 3.88 -2.51
C ALA D 18 15.80 4.26 -3.91
N LYS D 19 15.99 3.37 -4.87
CA LYS D 19 15.52 3.58 -6.24
C LYS D 19 14.38 2.62 -6.55
N GLU D 20 13.51 3.05 -7.47
CA GLU D 20 12.31 2.28 -7.78
C GLU D 20 12.65 0.95 -8.45
N SER D 21 13.75 0.89 -9.19
CA SER D 21 14.19 -0.34 -9.83
C SER D 21 15.09 -1.19 -8.94
N SER D 22 15.19 -0.86 -7.66
CA SER D 22 15.94 -1.69 -6.71
C SER D 22 15.01 -2.72 -6.10
N THR D 23 15.58 -3.88 -5.76
CA THR D 23 14.79 -5.02 -5.33
C THR D 23 14.61 -5.03 -3.82
N VAL D 24 13.73 -5.94 -3.37
CA VAL D 24 13.47 -6.09 -1.94
C VAL D 24 14.67 -6.67 -1.22
N PHE D 25 15.41 -7.57 -1.89
CA PHE D 25 16.62 -8.11 -1.28
C PHE D 25 17.69 -7.03 -1.14
N GLU D 26 17.82 -6.15 -2.14
CA GLU D 26 18.77 -5.05 -2.03
C GLU D 26 18.41 -4.12 -0.88
N LEU D 27 17.11 -3.97 -0.59
CA LEU D 27 16.69 -3.18 0.57
C LEU D 27 17.01 -3.91 1.88
N LYS D 28 16.94 -5.24 1.88
CA LYS D 28 17.28 -6.00 3.08
C LYS D 28 18.75 -5.85 3.43
N ARG D 29 19.62 -5.71 2.42
CA ARG D 29 21.03 -5.43 2.68
C ARG D 29 21.21 -4.08 3.34
N ILE D 30 20.38 -3.10 2.98
CA ILE D 30 20.45 -1.79 3.59
C ILE D 30 20.09 -1.87 5.07
N VAL D 31 19.13 -2.74 5.41
CA VAL D 31 18.78 -2.93 6.82
C VAL D 31 19.87 -3.69 7.54
N GLU D 32 20.63 -4.53 6.83
CA GLU D 32 21.68 -5.32 7.46
C GLU D 32 22.75 -4.43 8.08
N GLY D 33 23.20 -3.43 7.33
CA GLY D 33 24.23 -2.54 7.85
C GLY D 33 23.74 -1.67 8.99
N ILE D 34 22.45 -1.41 9.07
CA ILE D 34 21.89 -0.53 10.10
C ILE D 34 21.58 -1.32 11.35
N LEU D 35 20.76 -2.36 11.21
CA LEU D 35 20.26 -3.11 12.37
C LEU D 35 21.06 -4.38 12.66
N LYS D 36 22.11 -4.65 11.88
CA LYS D 36 23.08 -5.71 12.18
C LYS D 36 22.43 -7.09 12.21
N ARG D 37 21.80 -7.46 11.10
CA ARG D 37 21.19 -8.76 10.92
C ARG D 37 21.36 -9.19 9.46
N PRO D 38 21.52 -10.49 9.21
CA PRO D 38 21.69 -10.95 7.83
C PRO D 38 20.37 -10.90 7.07
N PRO D 39 20.42 -10.86 5.73
CA PRO D 39 19.17 -10.72 4.96
C PRO D 39 18.15 -11.82 5.22
N ASP D 40 18.59 -13.08 5.21
CA ASP D 40 17.65 -14.21 5.28
C ASP D 40 16.94 -14.32 6.62
N GLU D 41 17.25 -13.47 7.60
CA GLU D 41 16.56 -13.44 8.87
C GLU D 41 15.54 -12.31 8.95
N GLN D 42 15.12 -11.77 7.81
CA GLN D 42 14.24 -10.62 7.77
C GLN D 42 13.05 -10.90 6.86
N ARG D 43 11.94 -10.22 7.16
N ARG D 43 11.94 -10.22 7.14
CA ARG D 43 10.74 -10.28 6.32
CA ARG D 43 10.76 -10.28 6.30
C ARG D 43 10.08 -8.91 6.33
C ARG D 43 10.06 -8.94 6.33
N LEU D 44 9.84 -8.37 5.15
CA LEU D 44 9.24 -7.05 5.00
C LEU D 44 7.77 -7.16 4.64
N TYR D 45 7.07 -6.03 4.77
CA TYR D 45 5.63 -5.99 4.55
C TYR D 45 5.22 -4.65 3.96
N LYS D 46 4.42 -4.70 2.91
CA LYS D 46 3.60 -3.55 2.49
C LYS D 46 2.23 -3.78 3.12
N ASP D 47 1.98 -3.08 4.23
CA ASP D 47 0.88 -3.39 5.14
C ASP D 47 1.07 -4.79 5.69
N ASP D 48 0.58 -5.81 4.98
CA ASP D 48 0.72 -7.19 5.40
C ASP D 48 1.23 -8.12 4.31
N GLN D 49 1.36 -7.66 3.07
CA GLN D 49 1.79 -8.52 1.98
C GLN D 49 3.28 -8.77 2.05
N LEU D 50 3.69 -10.03 1.94
CA LEU D 50 5.10 -10.35 1.77
C LEU D 50 5.56 -9.88 0.40
N LEU D 51 6.87 -9.73 0.25
CA LEU D 51 7.47 -9.19 -0.96
C LEU D 51 8.51 -10.17 -1.49
N ASP D 52 8.30 -10.64 -2.72
CA ASP D 52 9.28 -11.50 -3.36
C ASP D 52 10.57 -10.74 -3.57
N ASP D 53 11.68 -11.35 -3.15
CA ASP D 53 12.98 -10.69 -3.28
C ASP D 53 13.41 -10.52 -4.73
N GLY D 54 12.79 -11.25 -5.65
CA GLY D 54 13.07 -11.08 -7.06
C GLY D 54 12.19 -10.02 -7.70
N LYS D 55 11.56 -9.20 -6.86
CA LYS D 55 10.69 -8.12 -7.32
C LYS D 55 11.24 -6.79 -6.83
N THR D 56 11.14 -5.77 -7.69
CA THR D 56 11.62 -4.45 -7.34
C THR D 56 10.59 -3.71 -6.49
N LEU D 57 11.04 -2.64 -5.83
CA LEU D 57 10.14 -1.84 -5.02
C LEU D 57 9.04 -1.20 -5.86
N GLY D 58 9.32 -0.90 -7.13
CA GLY D 58 8.30 -0.36 -8.00
C GLY D 58 7.23 -1.38 -8.35
N GLU D 59 7.65 -2.62 -8.63
CA GLU D 59 6.69 -3.68 -8.90
C GLU D 59 5.93 -4.10 -7.66
N CYS D 60 6.48 -3.83 -6.47
CA CYS D 60 5.82 -4.16 -5.21
C CYS D 60 4.82 -3.11 -4.78
N GLY D 61 4.60 -2.06 -5.58
CA GLY D 61 3.62 -1.05 -5.28
C GLY D 61 4.15 0.25 -4.71
N PHE D 62 5.47 0.46 -4.73
CA PHE D 62 6.07 1.69 -4.22
C PHE D 62 6.46 2.58 -5.40
N THR D 63 5.92 3.79 -5.42
CA THR D 63 6.18 4.75 -6.48
C THR D 63 6.47 6.12 -5.89
N SER D 64 7.33 6.88 -6.57
CA SER D 64 7.64 8.23 -6.12
C SER D 64 6.39 9.11 -6.05
N GLN D 65 5.32 8.73 -6.75
CA GLN D 65 4.04 9.39 -6.56
C GLN D 65 3.57 9.28 -5.12
N THR D 66 3.48 8.06 -4.60
CA THR D 66 3.02 7.84 -3.24
C THR D 66 4.14 7.29 -2.35
N ALA D 67 5.29 7.94 -2.37
CA ALA D 67 6.39 7.63 -1.47
C ALA D 67 7.34 8.83 -1.43
N ARG D 68 6.79 9.99 -1.10
CA ARG D 68 7.50 11.26 -1.20
C ARG D 68 8.34 11.51 0.04
N PRO D 69 9.28 12.46 0.00
CA PRO D 69 10.03 12.79 1.22
C PRO D 69 9.15 13.32 2.34
N GLN D 70 8.22 14.22 2.04
CA GLN D 70 7.31 14.73 3.05
C GLN D 70 6.24 13.70 3.45
N ALA D 71 6.13 12.59 2.73
CA ALA D 71 5.16 11.54 3.05
C ALA D 71 5.70 10.21 2.54
N PRO D 72 6.58 9.57 3.30
CA PRO D 72 7.19 8.32 2.85
C PRO D 72 6.29 7.12 3.12
N ALA D 73 6.38 6.14 2.23
CA ALA D 73 5.59 4.93 2.36
C ALA D 73 6.13 4.06 3.50
N THR D 74 5.22 3.40 4.20
CA THR D 74 5.56 2.60 5.37
C THR D 74 5.89 1.17 4.95
N VAL D 75 6.99 0.65 5.49
CA VAL D 75 7.45 -0.71 5.21
C VAL D 75 7.69 -1.42 6.54
N GLY D 76 7.01 -2.54 6.75
CA GLY D 76 7.16 -3.27 7.99
C GLY D 76 8.38 -4.16 8.02
N LEU D 77 8.73 -4.61 9.22
CA LEU D 77 9.90 -5.47 9.42
C LEU D 77 9.65 -6.39 10.60
N ALA D 78 10.10 -7.64 10.46
CA ALA D 78 10.05 -8.61 11.54
C ALA D 78 11.26 -9.52 11.43
N PHE D 79 11.82 -9.90 12.57
CA PHE D 79 13.05 -10.67 12.63
C PHE D 79 12.76 -12.15 12.89
N ARG D 80 13.79 -12.97 12.73
CA ARG D 80 13.71 -14.37 13.13
C ARG D 80 13.94 -14.50 14.63
N ALA D 81 13.08 -15.27 15.29
CA ALA D 81 13.24 -15.57 16.71
C ALA D 81 13.89 -16.95 16.83
N ASP D 82 15.20 -16.98 16.60
CA ASP D 82 16.01 -18.20 16.67
C ASP D 82 15.64 -19.20 15.59
N ASP D 83 14.53 -19.90 15.77
CA ASP D 83 14.09 -20.91 14.82
C ASP D 83 12.88 -20.47 14.00
N THR D 84 11.90 -19.83 14.62
CA THR D 84 10.70 -19.35 13.95
C THR D 84 10.64 -17.84 14.02
N PHE D 85 10.15 -17.21 12.95
CA PHE D 85 10.04 -15.76 12.91
C PHE D 85 9.09 -15.24 13.98
N GLU D 86 9.38 -14.03 14.46
CA GLU D 86 8.49 -13.36 15.39
C GLU D 86 7.26 -12.83 14.64
N ALA D 87 6.35 -12.22 15.39
CA ALA D 87 5.14 -11.67 14.79
C ALA D 87 5.42 -10.27 14.23
N LEU D 88 4.69 -9.93 13.16
CA LEU D 88 4.77 -8.60 12.58
C LEU D 88 4.17 -7.60 13.56
N CYS D 89 5.02 -6.80 14.20
CA CYS D 89 4.59 -5.83 15.20
C CYS D 89 5.20 -4.48 14.88
N ILE D 90 4.35 -3.46 14.77
CA ILE D 90 4.79 -2.08 14.56
C ILE D 90 4.04 -1.21 15.57
N GLU D 91 4.75 -0.76 16.59
CA GLU D 91 4.12 0.04 17.64
C GLU D 91 3.71 1.39 17.07
N PRO D 92 2.51 1.87 17.36
CA PRO D 92 2.06 3.14 16.80
C PRO D 92 2.67 4.34 17.54
N PHE D 93 2.41 5.52 16.99
CA PHE D 93 2.88 6.76 17.58
C PHE D 93 1.91 7.22 18.67
N SER D 94 2.26 8.33 19.31
CA SER D 94 1.39 8.92 20.33
C SER D 94 0.29 9.74 19.66
N SER D 95 -0.81 9.92 20.39
CA SER D 95 -1.89 10.66 19.78
C SER D 95 -1.75 12.15 20.07
N PRO D 96 -2.03 13.02 19.09
CA PRO D 96 -1.98 14.45 19.36
C PRO D 96 -3.05 14.85 20.35
N PRO D 97 -2.78 15.87 21.18
CA PRO D 97 -3.76 16.26 22.20
C PRO D 97 -4.97 16.97 21.61
N GLU D 98 -5.83 17.49 22.48
CA GLU D 98 -6.99 18.24 22.02
C GLU D 98 -6.55 19.48 21.27
N LEU D 99 -7.05 19.64 20.05
CA LEU D 99 -6.76 20.83 19.27
C LEU D 99 -7.26 22.06 20.04
N PRO D 100 -6.41 23.07 20.25
CA PRO D 100 -6.80 24.21 21.09
C PRO D 100 -8.03 24.93 20.55
N ASP D 101 -8.65 25.71 21.43
CA ASP D 101 -9.93 26.34 21.12
C ASP D 101 -9.82 27.35 20.00
N VAL D 102 -8.70 28.08 19.91
CA VAL D 102 -8.52 29.10 18.89
C VAL D 102 -8.02 28.53 17.57
N MET D 103 -7.82 27.22 17.49
CA MET D 103 -7.25 26.59 16.31
C MET D 103 -8.27 25.78 15.51
N LYS D 104 -9.51 25.70 15.99
CA LYS D 104 -10.49 24.80 15.41
C LYS D 104 -11.60 25.58 14.70
N PRO D 105 -12.17 25.02 13.62
CA PRO D 105 -13.31 25.61 12.91
C PRO D 105 -14.51 25.85 13.81
N MET E 1 26.08 7.77 6.89
CA MET E 1 25.90 7.06 8.15
C MET E 1 24.55 7.44 8.77
N TYR E 2 24.07 6.62 9.69
CA TYR E 2 22.76 6.82 10.31
C TYR E 2 22.94 7.08 11.80
N VAL E 3 22.30 8.14 12.28
CA VAL E 3 22.28 8.45 13.70
C VAL E 3 20.92 8.05 14.27
N LYS E 4 20.80 8.05 15.59
CA LYS E 4 19.61 7.57 16.28
C LYS E 4 19.03 8.70 17.13
N LEU E 5 17.78 9.06 16.84
CA LEU E 5 17.06 10.09 17.58
C LEU E 5 15.98 9.43 18.43
N ILE E 6 15.87 9.87 19.69
CA ILE E 6 14.96 9.31 20.65
C ILE E 6 13.87 10.33 20.98
N SER E 7 12.62 9.89 20.95
CA SER E 7 11.51 10.74 21.33
C SER E 7 11.27 10.64 22.83
N SER E 8 10.20 11.27 23.32
CA SER E 8 9.90 11.22 24.75
C SER E 8 9.34 9.86 25.15
N ASP E 9 8.43 9.31 24.34
CA ASP E 9 7.77 8.05 24.68
C ASP E 9 8.60 6.83 24.33
N GLY E 10 9.63 6.97 23.49
CA GLY E 10 10.53 5.85 23.28
C GLY E 10 10.97 5.58 21.85
N HIS E 11 10.15 5.95 20.87
CA HIS E 11 10.44 5.63 19.48
C HIS E 11 11.81 6.13 19.06
N GLU E 12 12.63 5.22 18.55
CA GLU E 12 14.00 5.50 18.14
C GLU E 12 14.03 5.64 16.62
N PHE E 13 14.22 6.88 16.14
CA PHE E 13 14.18 7.18 14.72
C PHE E 13 15.60 7.19 14.16
N ILE E 14 15.82 6.43 13.10
CA ILE E 14 17.13 6.25 12.49
C ILE E 14 17.13 7.01 11.17
N VAL E 15 17.94 8.07 11.10
CA VAL E 15 18.02 8.92 9.93
C VAL E 15 19.48 9.06 9.51
N LYS E 16 19.68 9.36 8.22
CA LYS E 16 21.02 9.56 7.71
C LYS E 16 21.68 10.75 8.38
N ARG E 17 23.00 10.66 8.57
CA ARG E 17 23.74 11.73 9.20
C ARG E 17 23.68 13.01 8.37
N GLU E 18 23.70 12.88 7.04
CA GLU E 18 23.60 14.05 6.18
C GLU E 18 22.23 14.72 6.31
N HIS E 19 21.20 13.94 6.63
CA HIS E 19 19.86 14.50 6.80
C HIS E 19 19.72 15.24 8.13
N ALA E 20 20.44 14.79 9.16
CA ALA E 20 20.25 15.31 10.51
C ALA E 20 20.94 16.64 10.76
N LEU E 21 21.91 17.03 9.93
CA LEU E 21 22.61 18.29 10.12
C LEU E 21 21.78 19.50 9.71
N THR E 22 20.57 19.29 9.19
CA THR E 22 19.67 20.41 8.95
C THR E 22 19.34 21.12 10.26
N SER E 23 18.96 20.37 11.27
CA SER E 23 18.70 20.92 12.59
C SER E 23 20.01 21.41 13.21
N GLY E 24 20.13 22.71 13.43
CA GLY E 24 21.31 23.24 14.10
C GLY E 24 21.51 22.69 15.48
N THR E 25 20.41 22.41 16.19
CA THR E 25 20.53 21.78 17.51
C THR E 25 21.10 20.38 17.39
N ILE E 26 20.72 19.65 16.34
CA ILE E 26 21.30 18.34 16.10
C ILE E 26 22.61 18.44 15.34
N LYS E 27 22.79 19.50 14.53
CA LYS E 27 24.11 19.78 13.98
C LYS E 27 25.11 20.10 15.07
N ALA E 28 24.64 20.58 16.22
CA ALA E 28 25.47 20.62 17.43
C ALA E 28 25.61 19.21 17.97
N MET E 29 25.88 19.07 19.27
CA MET E 29 25.93 17.76 19.91
C MET E 29 26.99 16.82 19.30
N LEU E 30 27.04 16.76 17.97
CA LEU E 30 27.84 15.77 17.27
C LEU E 30 28.87 16.52 16.43
N SER E 31 28.65 16.68 15.13
CA SER E 31 29.46 17.49 14.23
C SER E 31 30.95 17.18 14.28
N GLY E 32 31.59 17.44 15.43
CA GLY E 32 33.01 17.28 15.56
C GLY E 32 33.42 16.08 16.39
N PRO E 33 33.90 15.02 15.71
CA PRO E 33 34.40 13.81 16.36
C PRO E 33 35.54 14.09 17.34
N ASN E 42 25.90 7.26 16.60
CA ASN E 42 25.62 8.27 17.62
C ASN E 42 24.14 8.31 17.98
N GLU E 43 23.85 8.56 19.25
CA GLU E 43 22.49 8.66 19.76
C GLU E 43 22.26 10.05 20.34
N VAL E 44 21.04 10.55 20.18
CA VAL E 44 20.64 11.85 20.69
C VAL E 44 19.28 11.68 21.36
N ASN E 45 19.19 12.07 22.63
CA ASN E 45 18.00 11.84 23.45
C ASN E 45 17.20 13.13 23.59
N PHE E 46 15.92 13.07 23.21
CA PHE E 46 14.98 14.16 23.45
C PHE E 46 13.93 13.67 24.45
N ARG E 47 13.91 14.29 25.63
CA ARG E 47 12.99 13.92 26.70
C ARG E 47 11.73 14.76 26.71
N GLU E 48 11.37 15.38 25.59
CA GLU E 48 10.26 16.33 25.58
C GLU E 48 9.51 16.35 24.26
N ILE E 49 10.07 15.74 23.22
CA ILE E 49 9.45 15.73 21.89
C ILE E 49 8.73 14.40 21.72
N PRO E 50 7.41 14.38 21.61
CA PRO E 50 6.69 13.11 21.42
C PRO E 50 6.98 12.50 20.07
N SER E 51 6.48 11.26 19.89
CA SER E 51 6.76 10.52 18.67
C SER E 51 5.97 11.07 17.48
N HIS E 52 4.74 11.53 17.72
CA HIS E 52 3.94 12.09 16.64
C HIS E 52 4.47 13.43 16.15
N VAL E 53 5.52 13.95 16.76
CA VAL E 53 6.20 15.15 16.28
C VAL E 53 7.57 14.83 15.71
N LEU E 54 8.33 13.96 16.38
CA LEU E 54 9.69 13.67 15.94
C LEU E 54 9.71 13.00 14.58
N SER E 55 8.75 12.10 14.32
CA SER E 55 8.66 11.47 13.01
C SER E 55 8.42 12.51 11.92
N LYS E 56 7.66 13.55 12.23
CA LYS E 56 7.38 14.59 11.23
C LYS E 56 8.61 15.43 10.95
N VAL E 57 9.48 15.61 11.94
CA VAL E 57 10.73 16.35 11.73
C VAL E 57 11.63 15.58 10.77
N CYS E 58 11.80 14.28 11.01
CA CYS E 58 12.63 13.46 10.13
C CYS E 58 12.04 13.39 8.72
N MET E 59 10.72 13.56 8.60
CA MET E 59 10.12 13.70 7.28
C MET E 59 10.65 14.95 6.59
N TYR E 60 10.88 16.02 7.35
CA TYR E 60 11.38 17.26 6.76
C TYR E 60 12.85 17.15 6.37
N PHE E 61 13.64 16.45 7.19
CA PHE E 61 15.02 16.17 6.82
C PHE E 61 15.08 15.51 5.44
N THR E 62 14.24 14.50 5.23
CA THR E 62 14.14 13.86 3.93
C THR E 62 13.61 14.85 2.88
N TYR E 63 12.80 15.82 3.32
CA TYR E 63 12.20 16.78 2.39
C TYR E 63 13.16 17.91 2.05
N LYS E 64 13.90 18.42 3.02
CA LYS E 64 14.84 19.51 2.75
C LYS E 64 16.02 19.03 1.93
N VAL E 65 16.59 17.87 2.27
CA VAL E 65 17.73 17.34 1.53
C VAL E 65 17.37 17.13 0.06
N ARG E 66 16.12 16.75 -0.21
CA ARG E 66 15.72 16.40 -1.57
C ARG E 66 15.58 17.64 -2.44
N TYR E 67 14.93 18.69 -1.94
CA TYR E 67 14.46 19.76 -2.80
C TYR E 67 15.34 21.00 -2.81
N THR E 68 16.24 21.16 -1.86
CA THR E 68 17.22 22.24 -1.95
C THR E 68 18.14 22.00 -3.15
N ASN E 69 18.30 23.04 -3.98
CA ASN E 69 19.07 22.94 -5.21
C ASN E 69 18.51 21.88 -6.13
N SER E 70 17.40 22.18 -6.81
CA SER E 70 16.78 21.24 -7.73
C SER E 70 16.02 22.01 -8.79
N SER E 71 15.74 21.33 -9.90
CA SER E 71 15.07 21.94 -11.05
C SER E 71 13.55 21.83 -10.98
N THR E 72 13.04 20.69 -10.49
CA THR E 72 11.60 20.48 -10.42
C THR E 72 10.96 21.49 -9.47
N GLU E 73 9.67 21.73 -9.69
CA GLU E 73 8.93 22.61 -8.79
C GLU E 73 8.85 21.99 -7.41
N ILE E 74 8.95 22.82 -6.38
CA ILE E 74 8.96 22.37 -5.00
C ILE E 74 7.52 22.26 -4.51
N PRO E 75 7.09 21.09 -4.04
CA PRO E 75 5.72 20.95 -3.54
C PRO E 75 5.59 21.45 -2.11
N GLU E 76 4.34 21.60 -1.69
CA GLU E 76 4.06 22.10 -0.34
C GLU E 76 4.38 21.03 0.70
N PHE E 77 5.02 21.45 1.78
CA PHE E 77 5.28 20.56 2.90
C PHE E 77 4.05 20.57 3.81
N PRO E 78 3.31 19.48 3.92
CA PRO E 78 2.04 19.50 4.66
C PRO E 78 2.21 19.26 6.15
N ILE E 79 1.35 19.92 6.93
CA ILE E 79 1.25 19.71 8.37
C ILE E 79 -0.22 19.71 8.74
N ALA E 80 -0.71 18.57 9.25
CA ALA E 80 -2.08 18.50 9.72
C ALA E 80 -2.27 19.42 10.92
N PRO E 81 -3.48 19.96 11.10
CA PRO E 81 -3.68 20.94 12.19
C PRO E 81 -3.38 20.42 13.58
N GLU E 82 -3.63 19.13 13.84
CA GLU E 82 -3.49 18.61 15.20
C GLU E 82 -2.04 18.59 15.69
N ILE E 83 -1.08 18.66 14.79
CA ILE E 83 0.34 18.61 15.17
C ILE E 83 1.03 19.90 14.76
N ALA E 84 0.29 21.01 14.78
CA ALA E 84 0.85 22.29 14.34
C ALA E 84 1.65 22.97 15.43
N LEU E 85 1.07 23.11 16.63
CA LEU E 85 1.75 23.81 17.71
C LEU E 85 2.99 23.05 18.17
N GLU E 86 2.85 21.73 18.37
CA GLU E 86 3.97 20.95 18.90
C GLU E 86 5.12 20.89 17.92
N LEU E 87 4.84 20.80 16.62
CA LEU E 87 5.91 20.82 15.64
C LEU E 87 6.58 22.19 15.57
N LEU E 88 5.80 23.26 15.69
CA LEU E 88 6.37 24.60 15.78
C LEU E 88 7.25 24.74 17.02
N MET E 89 6.78 24.21 18.15
CA MET E 89 7.58 24.24 19.36
C MET E 89 8.83 23.39 19.22
N ALA E 90 8.76 22.30 18.45
CA ALA E 90 9.94 21.47 18.22
C ALA E 90 10.86 22.09 17.18
N ALA E 91 10.29 22.66 16.11
CA ALA E 91 11.11 23.29 15.09
C ALA E 91 11.95 24.43 15.67
N ASN E 92 11.42 25.15 16.66
CA ASN E 92 12.18 26.19 17.31
C ASN E 92 13.34 25.60 18.11
N PHE E 93 13.06 24.55 18.89
CA PHE E 93 14.11 23.94 19.70
C PHE E 93 15.17 23.26 18.84
N LEU E 94 14.78 22.76 17.67
CA LEU E 94 15.71 22.04 16.81
C LEU E 94 16.45 22.95 15.83
N ASP E 95 15.96 24.17 15.62
CA ASP E 95 16.60 25.14 14.73
C ASP E 95 16.74 24.58 13.32
N CYS E 96 15.65 24.60 12.56
CA CYS E 96 15.65 24.07 11.20
C CYS E 96 14.47 24.58 10.39
N ARG F 10 16.29 59.54 -2.70
CA ARG F 10 15.78 58.37 -3.41
C ARG F 10 16.02 57.08 -2.64
N PRO F 11 15.19 56.07 -2.91
CA PRO F 11 15.48 54.72 -2.36
C PRO F 11 16.36 53.92 -3.30
N VAL F 12 16.65 52.67 -2.94
CA VAL F 12 17.60 51.87 -3.70
C VAL F 12 16.86 50.93 -4.65
N LEU F 13 16.07 50.01 -4.09
CA LEU F 13 15.36 49.02 -4.89
C LEU F 13 14.18 49.71 -5.58
N ARG F 14 14.33 50.00 -6.87
CA ARG F 14 13.30 50.67 -7.62
C ARG F 14 13.44 50.33 -9.10
N SER F 15 12.33 50.42 -9.82
CA SER F 15 12.32 50.19 -11.26
C SER F 15 12.84 51.41 -12.00
N VAL F 16 13.46 51.16 -13.15
CA VAL F 16 14.07 52.21 -13.97
C VAL F 16 13.13 52.55 -15.12
N ASN F 17 12.81 53.84 -15.25
CA ASN F 17 11.96 54.30 -16.33
C ASN F 17 12.67 54.19 -17.67
N SER F 18 12.80 52.97 -18.20
CA SER F 18 13.44 52.77 -19.49
C SER F 18 12.47 52.93 -20.65
N ARG F 19 11.18 52.78 -20.42
CA ARG F 19 10.13 52.90 -21.42
C ARG F 19 10.28 51.90 -22.57
N GLU F 20 11.14 50.90 -22.41
CA GLU F 20 11.33 49.88 -23.44
C GLU F 20 10.52 48.65 -23.07
N PRO F 21 9.45 48.33 -23.81
CA PRO F 21 8.58 47.22 -23.40
C PRO F 21 9.31 45.88 -23.42
N SER F 22 8.76 44.94 -22.65
CA SER F 22 9.33 43.60 -22.57
C SER F 22 8.22 42.64 -22.17
N GLN F 23 7.77 41.81 -23.12
CA GLN F 23 6.74 40.83 -22.81
C GLN F 23 7.30 39.77 -21.86
N VAL F 24 6.55 39.50 -20.79
CA VAL F 24 7.01 38.62 -19.72
C VAL F 24 5.90 37.63 -19.39
N ILE F 25 6.28 36.39 -19.09
CA ILE F 25 5.35 35.33 -18.71
C ILE F 25 5.57 35.01 -17.24
N PHE F 26 4.58 35.30 -16.41
CA PHE F 26 4.57 34.82 -15.03
C PHE F 26 4.04 33.40 -15.02
N CYS F 27 4.86 32.45 -14.59
CA CYS F 27 4.47 31.04 -14.52
C CYS F 27 4.38 30.63 -13.06
N ASN F 28 3.16 30.35 -12.60
CA ASN F 28 2.92 30.00 -11.19
C ASN F 28 3.12 28.51 -11.04
N ARG F 29 4.34 28.11 -10.69
CA ARG F 29 4.66 26.73 -10.37
C ARG F 29 4.62 26.46 -8.87
N SER F 30 3.74 27.14 -8.15
CA SER F 30 3.56 26.98 -6.72
C SER F 30 2.10 26.73 -6.40
N PRO F 31 1.80 25.98 -5.34
CA PRO F 31 0.40 25.71 -4.98
C PRO F 31 -0.34 26.93 -4.45
N ARG F 32 0.33 28.07 -4.26
CA ARG F 32 -0.31 29.24 -3.69
C ARG F 32 -1.03 30.06 -4.77
N VAL F 33 -1.74 31.09 -4.32
CA VAL F 33 -2.25 32.14 -5.20
C VAL F 33 -1.25 33.29 -5.15
N VAL F 34 -0.59 33.54 -6.27
CA VAL F 34 0.55 34.44 -6.31
C VAL F 34 0.10 35.87 -6.53
N LEU F 35 0.69 36.79 -5.77
CA LEU F 35 0.46 38.22 -5.92
C LEU F 35 1.69 38.85 -6.59
N PRO F 36 1.64 39.16 -7.88
CA PRO F 36 2.78 39.84 -8.52
C PRO F 36 2.81 41.31 -8.12
N VAL F 37 3.99 41.77 -7.72
CA VAL F 37 4.17 43.12 -7.21
C VAL F 37 5.23 43.82 -8.05
N TRP F 38 4.88 44.98 -8.60
CA TRP F 38 5.80 45.81 -9.38
C TRP F 38 6.29 46.95 -8.50
N LEU F 39 7.58 46.95 -8.20
CA LEU F 39 8.18 48.09 -7.51
C LEU F 39 8.17 49.29 -8.45
N ASN F 40 7.52 50.37 -8.03
CA ASN F 40 7.33 51.53 -8.89
C ASN F 40 8.65 52.29 -9.03
N PHE F 41 8.58 53.50 -9.58
CA PHE F 41 9.76 54.31 -9.83
C PHE F 41 10.30 54.97 -8.56
N ASP F 42 9.61 54.81 -7.43
CA ASP F 42 10.09 55.31 -6.14
C ASP F 42 10.16 54.19 -5.10
N GLY F 43 10.34 52.96 -5.56
CA GLY F 43 10.47 51.82 -4.66
C GLY F 43 9.21 51.42 -3.94
N GLU F 44 8.06 52.02 -4.26
CA GLU F 44 6.81 51.68 -3.60
C GLU F 44 6.15 50.50 -4.32
N PRO F 45 5.68 49.48 -3.59
CA PRO F 45 5.16 48.28 -4.23
C PRO F 45 3.82 48.52 -4.90
N GLN F 46 3.65 47.94 -6.09
CA GLN F 46 2.38 48.00 -6.83
C GLN F 46 1.88 46.57 -7.05
N PRO F 47 0.89 46.11 -6.30
CA PRO F 47 0.36 44.77 -6.53
C PRO F 47 -0.43 44.69 -7.84
N TYR F 48 -0.37 43.53 -8.46
CA TYR F 48 -0.99 43.24 -9.74
C TYR F 48 -1.99 42.10 -9.59
N PRO F 49 -2.89 41.91 -10.57
CA PRO F 49 -3.90 40.85 -10.44
C PRO F 49 -3.28 39.49 -10.16
N THR F 50 -3.90 38.75 -9.25
CA THR F 50 -3.32 37.53 -8.72
C THR F 50 -3.33 36.41 -9.75
N LEU F 51 -2.59 35.35 -9.45
CA LEU F 51 -2.44 34.21 -10.34
C LEU F 51 -2.86 32.93 -9.61
N PRO F 52 -3.83 32.18 -10.11
CA PRO F 52 -4.17 30.89 -9.49
C PRO F 52 -3.00 29.93 -9.59
N PRO F 53 -2.94 28.93 -8.70
CA PRO F 53 -1.84 27.96 -8.77
C PRO F 53 -1.89 27.15 -10.05
N GLY F 54 -0.72 26.93 -10.64
CA GLY F 54 -0.61 26.14 -11.85
C GLY F 54 -0.99 26.86 -13.12
N THR F 55 -1.13 28.18 -13.09
CA THR F 55 -1.54 28.96 -14.25
C THR F 55 -0.44 29.95 -14.61
N GLY F 56 -0.57 30.53 -15.80
CA GLY F 56 0.36 31.53 -16.29
C GLY F 56 -0.36 32.73 -16.86
N ARG F 57 0.43 33.69 -17.34
CA ARG F 57 -0.13 34.93 -17.86
C ARG F 57 0.93 35.69 -18.64
N ARG F 58 0.50 36.35 -19.71
CA ARG F 58 1.37 37.19 -20.52
C ARG F 58 1.27 38.64 -20.03
N ILE F 59 2.43 39.24 -19.75
CA ILE F 59 2.50 40.57 -19.16
C ILE F 59 3.26 41.50 -20.09
N HIS F 60 2.83 42.76 -20.13
CA HIS F 60 3.46 43.75 -21.00
C HIS F 60 4.33 44.70 -20.18
N SER F 61 5.35 44.17 -19.52
CA SER F 61 6.21 44.96 -18.65
C SER F 61 7.29 45.65 -19.48
N TYR F 62 8.25 46.28 -18.79
CA TYR F 62 9.31 47.04 -19.44
C TYR F 62 10.66 46.59 -18.91
N ARG F 63 11.71 46.96 -19.63
CA ARG F 63 13.06 46.65 -19.19
C ARG F 63 13.41 47.47 -17.96
N GLY F 64 14.18 46.86 -17.05
CA GLY F 64 14.61 47.53 -15.85
C GLY F 64 13.60 47.56 -14.73
N HIS F 65 12.34 47.24 -15.01
CA HIS F 65 11.33 47.17 -13.97
C HIS F 65 11.61 46.00 -13.04
N LEU F 66 11.27 46.17 -11.77
CA LEU F 66 11.50 45.15 -10.75
C LEU F 66 10.18 44.51 -10.34
N TRP F 67 10.21 43.21 -10.10
CA TRP F 67 9.04 42.44 -9.71
C TRP F 67 9.38 41.54 -8.53
N LEU F 68 8.37 41.27 -7.71
CA LEU F 68 8.49 40.31 -6.62
C LEU F 68 7.12 39.70 -6.39
N PHE F 69 7.10 38.42 -6.04
CA PHE F 69 5.88 37.64 -6.02
C PHE F 69 5.71 36.96 -4.67
N ARG F 70 4.48 36.98 -4.15
CA ARG F 70 4.17 36.40 -2.85
C ARG F 70 2.80 35.74 -2.89
N ASP F 71 2.51 34.97 -1.85
CA ASP F 71 1.18 34.43 -1.65
C ASP F 71 0.23 35.59 -1.36
N ALA F 72 -0.82 35.72 -2.15
CA ALA F 72 -1.75 36.84 -2.01
C ALA F 72 -2.48 36.85 -0.67
N GLY F 73 -2.46 35.74 0.07
CA GLY F 73 -3.14 35.66 1.34
C GLY F 73 -2.21 35.86 2.54
N THR F 74 -1.19 35.03 2.65
CA THR F 74 -0.29 35.07 3.80
C THR F 74 0.85 36.07 3.64
N HIS F 75 1.08 36.59 2.44
CA HIS F 75 2.24 37.43 2.12
C HIS F 75 3.55 36.68 2.26
N ASP F 76 3.50 35.36 2.09
CA ASP F 76 4.70 34.54 2.23
C ASP F 76 5.66 34.81 1.08
N GLY F 77 6.95 34.81 1.39
CA GLY F 77 7.96 35.05 0.36
C GLY F 77 8.07 33.89 -0.60
N LEU F 78 8.19 34.21 -1.89
CA LEU F 78 8.31 33.21 -2.94
C LEU F 78 9.58 33.49 -3.75
N LEU F 79 9.91 32.56 -4.64
CA LEU F 79 11.08 32.67 -5.50
C LEU F 79 10.63 32.77 -6.96
N VAL F 80 11.21 33.74 -7.67
CA VAL F 80 11.03 33.86 -9.12
C VAL F 80 12.36 33.53 -9.78
N ASN F 81 12.38 32.45 -10.57
CA ASN F 81 13.62 31.91 -11.14
C ASN F 81 14.66 31.66 -10.05
N GLN F 82 14.18 31.23 -8.88
CA GLN F 82 15.02 30.87 -7.75
C GLN F 82 15.84 32.05 -7.24
N THR F 83 15.17 33.19 -7.08
CA THR F 83 15.79 34.37 -6.48
C THR F 83 14.68 35.31 -6.02
N GLU F 84 15.08 36.39 -5.35
CA GLU F 84 14.12 37.32 -4.76
C GLU F 84 13.47 38.20 -5.81
N LEU F 85 14.27 38.79 -6.70
CA LEU F 85 13.80 39.82 -7.61
C LEU F 85 13.86 39.34 -9.05
N PHE F 86 12.94 39.83 -9.86
CA PHE F 86 12.91 39.56 -11.30
C PHE F 86 12.91 40.89 -12.04
N VAL F 87 13.79 41.01 -13.04
CA VAL F 87 13.89 42.20 -13.85
C VAL F 87 13.82 41.77 -15.33
N PRO F 88 12.80 42.18 -16.08
CA PRO F 88 12.74 41.81 -17.50
C PRO F 88 13.93 42.38 -18.26
N SER F 89 14.66 41.49 -18.93
CA SER F 89 15.75 41.92 -19.80
C SER F 89 15.18 42.45 -21.11
N LEU F 90 15.60 41.87 -22.23
CA LEU F 90 15.10 42.27 -23.53
C LEU F 90 14.70 41.05 -24.33
N ASN F 91 13.76 41.23 -25.25
CA ASN F 91 13.10 40.13 -25.95
C ASN F 91 13.97 39.71 -27.12
N VAL F 92 14.80 38.69 -26.90
CA VAL F 92 15.67 38.15 -27.94
C VAL F 92 14.79 37.50 -29.00
N ASP F 93 14.74 38.09 -30.19
CA ASP F 93 13.99 37.56 -31.33
C ASP F 93 12.51 37.38 -30.98
N GLY F 94 11.95 38.39 -30.32
CA GLY F 94 10.53 38.40 -30.03
C GLY F 94 10.05 37.42 -28.98
N GLN F 95 10.96 36.69 -28.34
CA GLN F 95 10.53 35.72 -27.34
C GLN F 95 10.21 36.42 -26.02
N PRO F 96 9.05 36.15 -25.42
CA PRO F 96 8.79 36.69 -24.07
C PRO F 96 9.60 35.96 -23.02
N ILE F 97 9.89 36.66 -21.93
CA ILE F 97 10.76 36.17 -20.88
C ILE F 97 9.94 35.42 -19.85
N PHE F 98 10.47 34.27 -19.41
CA PHE F 98 9.79 33.47 -18.39
C PHE F 98 10.11 33.96 -16.99
N ALA F 99 9.11 33.82 -16.11
CA ALA F 99 9.26 34.15 -14.69
C ALA F 99 8.64 32.99 -13.91
N ASN F 100 9.48 32.03 -13.52
CA ASN F 100 9.01 30.81 -12.86
C ASN F 100 8.88 31.08 -11.37
N ILE F 101 7.65 31.26 -10.91
CA ILE F 101 7.36 31.50 -9.50
C ILE F 101 7.23 30.14 -8.82
N THR F 102 8.17 29.84 -7.93
CA THR F 102 8.20 28.57 -7.21
C THR F 102 8.11 28.83 -5.71
N LEU F 103 7.99 27.73 -4.96
CA LEU F 103 8.12 27.82 -3.52
C LEU F 103 9.59 27.80 -3.13
N PRO F 104 9.94 28.40 -2.00
CA PRO F 104 11.27 28.20 -1.44
C PRO F 104 11.28 27.11 -0.39
N VAL F 105 12.44 26.55 -0.08
CA VAL F 105 12.55 25.58 1.00
C VAL F 105 12.45 26.34 2.31
N TYR F 106 11.22 26.48 2.82
CA TYR F 106 11.02 27.19 4.08
C TYR F 106 11.69 26.44 5.23
N THR F 107 12.11 27.21 6.23
CA THR F 107 12.51 26.59 7.48
C THR F 107 11.29 25.95 8.14
N LEU F 108 11.53 24.89 8.90
CA LEU F 108 10.43 24.25 9.61
C LEU F 108 9.78 25.20 10.59
N LYS F 109 10.53 26.18 11.10
CA LYS F 109 9.96 27.21 11.95
C LYS F 109 8.94 28.05 11.18
N GLU F 110 9.38 28.69 10.10
CA GLU F 110 8.48 29.57 9.34
C GLU F 110 7.34 28.79 8.70
N ARG F 111 7.61 27.57 8.24
CA ARG F 111 6.54 26.75 7.68
C ARG F 111 5.52 26.39 8.74
N CYS F 112 5.96 26.12 9.96
CA CYS F 112 5.03 25.89 11.06
C CYS F 112 4.25 27.15 11.40
N LEU F 113 4.95 28.28 11.48
CA LEU F 113 4.27 29.56 11.66
C LEU F 113 3.25 29.78 10.54
N GLN F 114 3.64 29.49 9.31
CA GLN F 114 2.74 29.65 8.16
C GLN F 114 1.42 28.91 8.36
N VAL F 115 1.45 27.78 9.06
CA VAL F 115 0.24 27.00 9.27
C VAL F 115 -0.55 27.55 10.46
N VAL F 116 0.14 27.76 11.59
CA VAL F 116 -0.54 28.26 12.78
C VAL F 116 -1.10 29.66 12.53
N ARG F 117 -0.41 30.46 11.70
CA ARG F 117 -0.91 31.79 11.37
C ARG F 117 -2.29 31.72 10.75
N SER F 118 -2.48 30.81 9.79
CA SER F 118 -3.76 30.65 9.10
C SER F 118 -4.75 29.81 9.87
N LEU F 119 -4.40 29.33 11.06
CA LEU F 119 -5.31 28.55 11.90
C LEU F 119 -5.84 29.36 13.07
N VAL F 120 -5.35 30.58 13.27
CA VAL F 120 -5.71 31.40 14.42
C VAL F 120 -5.95 32.83 13.93
N LYS F 121 -6.95 33.49 14.49
CA LYS F 121 -7.13 34.91 14.24
C LYS F 121 -6.05 35.69 15.00
N PRO F 122 -5.47 36.73 14.39
CA PRO F 122 -4.33 37.42 15.00
C PRO F 122 -4.51 37.80 16.46
N GLU F 123 -5.73 38.13 16.89
CA GLU F 123 -5.96 38.46 18.29
C GLU F 123 -5.78 37.24 19.19
N ASN F 124 -6.14 36.05 18.68
CA ASN F 124 -6.08 34.82 19.46
C ASN F 124 -4.71 34.16 19.45
N TYR F 125 -3.70 34.81 18.85
CA TYR F 125 -2.34 34.30 18.95
C TYR F 125 -1.91 34.18 20.40
N ARG F 126 -2.20 35.21 21.20
CA ARG F 126 -1.75 35.27 22.58
C ARG F 126 -2.68 34.53 23.54
N ARG F 127 -3.45 33.56 23.04
CA ARG F 127 -4.20 32.63 23.86
C ARG F 127 -3.74 31.20 23.56
N LEU F 128 -2.48 31.12 23.20
CA LEU F 128 -1.82 29.86 22.86
C LEU F 128 -0.89 29.49 23.97
N ASP F 129 -0.42 28.26 23.97
CA ASP F 129 0.43 27.82 25.06
C ASP F 129 1.90 27.99 24.82
N ILE F 130 2.31 28.88 23.95
CA ILE F 130 3.73 29.01 23.72
C ILE F 130 4.40 30.03 24.61
N VAL F 131 5.64 30.35 24.28
CA VAL F 131 6.49 31.27 25.02
C VAL F 131 6.58 32.58 24.25
N ARG F 132 6.96 33.65 24.97
CA ARG F 132 7.18 34.99 24.42
C ARG F 132 7.87 34.96 23.06
N SER F 133 8.87 34.10 22.90
CA SER F 133 9.63 34.04 21.66
C SER F 133 8.77 33.62 20.47
N LEU F 134 7.64 32.97 20.71
CA LEU F 134 6.84 32.43 19.61
C LEU F 134 5.70 33.35 19.20
N TYR F 135 4.98 33.95 20.15
CA TYR F 135 3.98 34.94 19.78
C TYR F 135 4.60 36.07 18.98
N GLU F 136 5.81 36.48 19.35
CA GLU F 136 6.47 37.58 18.67
C GLU F 136 6.78 37.23 17.22
N ASP F 137 7.17 35.99 16.95
CA ASP F 137 7.38 35.56 15.57
C ASP F 137 6.05 35.37 14.85
N LEU F 138 5.03 34.88 15.57
CA LEU F 138 3.71 34.73 14.96
C LEU F 138 3.13 36.08 14.54
N GLU F 139 3.23 37.07 15.44
CA GLU F 139 2.76 38.41 15.11
C GLU F 139 3.69 39.14 14.15
N ASP F 140 4.87 38.60 13.89
CA ASP F 140 5.78 39.16 12.90
C ASP F 140 5.44 38.58 11.53
N HIS F 141 4.30 39.01 11.02
CA HIS F 141 3.81 38.54 9.73
C HIS F 141 4.81 38.87 8.63
N PRO F 142 4.89 38.05 7.58
CA PRO F 142 5.77 38.38 6.45
C PRO F 142 5.29 39.65 5.75
N ASN F 143 6.20 40.60 5.57
CA ASN F 143 5.86 41.93 5.10
C ASN F 143 6.72 42.29 3.89
N VAL F 144 6.14 43.07 2.99
CA VAL F 144 6.84 43.49 1.79
C VAL F 144 7.83 44.61 2.11
N GLN F 145 7.34 45.65 2.80
CA GLN F 145 8.22 46.76 3.17
C GLN F 145 9.35 46.30 4.07
N LYS F 146 9.04 45.47 5.06
CA LYS F 146 10.07 44.91 5.92
C LYS F 146 11.05 44.05 5.15
N ASP F 147 10.63 43.51 4.01
CA ASP F 147 11.53 42.73 3.15
C ASP F 147 12.30 43.60 2.17
N LEU F 148 11.68 44.67 1.67
CA LEU F 148 12.41 45.63 0.86
C LEU F 148 13.52 46.29 1.67
N GLU F 149 13.37 46.36 2.99
CA GLU F 149 14.37 46.94 3.86
C GLU F 149 15.40 45.93 4.32
N ARG F 150 15.03 44.64 4.43
CA ARG F 150 16.05 43.62 4.65
C ARG F 150 16.99 43.52 3.47
N LEU F 151 16.50 43.82 2.26
CA LEU F 151 17.29 43.62 1.05
C LEU F 151 18.26 44.77 0.81
N THR F 152 17.90 45.98 1.22
CA THR F 152 18.85 47.08 1.15
C THR F 152 19.91 46.95 2.22
N GLN F 153 19.53 46.56 3.43
CA GLN F 153 20.51 46.27 4.48
C GLN F 153 21.53 45.24 4.01
N GLU F 154 21.04 44.16 3.41
CA GLU F 154 21.95 43.18 2.81
C GLU F 154 22.80 43.80 1.71
N ARG F 155 22.17 44.60 0.84
CA ARG F 155 22.87 45.16 -0.30
C ARG F 155 23.85 46.25 0.11
N ILE F 156 23.56 46.97 1.20
CA ILE F 156 24.51 47.94 1.72
C ILE F 156 25.64 47.24 2.46
N ALA F 157 25.33 46.17 3.20
CA ALA F 157 26.38 45.37 3.81
C ALA F 157 27.25 44.68 2.77
N HIS F 158 26.66 44.31 1.63
CA HIS F 158 27.43 43.76 0.53
C HIS F 158 28.23 44.82 -0.22
N GLN F 159 27.82 46.08 -0.13
CA GLN F 159 28.27 47.09 -1.09
C GLN F 159 29.72 47.48 -0.85
N ARG F 160 30.07 47.81 0.40
CA ARG F 160 31.42 48.28 0.69
C ARG F 160 32.47 47.25 0.31
N MET F 161 32.23 45.98 0.67
CA MET F 161 33.15 44.91 0.30
C MET F 161 32.62 44.13 -0.90
N ASP G 2 -11.74 -33.16 -23.78
CA ASP G 2 -11.69 -34.08 -22.65
C ASP G 2 -10.29 -34.16 -22.06
N PRO G 3 -10.21 -34.32 -20.74
CA PRO G 3 -8.90 -34.54 -20.10
C PRO G 3 -8.24 -35.81 -20.61
N ALA G 4 -6.92 -35.85 -20.48
CA ALA G 4 -6.15 -36.99 -20.96
C ALA G 4 -6.38 -38.24 -20.13
N TRP G 5 -6.83 -38.10 -18.88
CA TRP G 5 -7.07 -39.26 -18.04
C TRP G 5 -8.49 -39.78 -18.12
N TRP G 6 -9.43 -38.99 -18.64
CA TRP G 6 -10.76 -39.51 -18.93
C TRP G 6 -10.68 -40.66 -19.93
N ASN G 7 -9.83 -40.51 -20.95
CA ASN G 7 -9.58 -41.60 -21.88
C ASN G 7 -8.79 -42.72 -21.22
N CYS G 8 -7.88 -42.37 -20.30
CA CYS G 8 -7.10 -43.38 -19.59
C CYS G 8 -7.99 -44.28 -18.75
N PHE G 9 -8.98 -43.70 -18.06
CA PHE G 9 -9.95 -44.48 -17.31
C PHE G 9 -10.77 -45.36 -18.23
N SER G 10 -11.48 -44.74 -19.19
CA SER G 10 -12.46 -45.46 -20.00
C SER G 10 -11.83 -46.59 -20.80
N ALA G 11 -10.59 -46.40 -21.26
CA ALA G 11 -9.91 -47.47 -21.99
C ALA G 11 -9.61 -48.65 -21.09
N ALA G 12 -9.32 -48.40 -19.81
CA ALA G 12 -9.08 -49.50 -18.88
C ALA G 12 -10.37 -50.26 -18.60
N GLN G 13 -11.45 -49.54 -18.28
CA GLN G 13 -12.72 -50.18 -17.97
C GLN G 13 -13.17 -51.12 -19.08
N GLN G 14 -13.00 -50.70 -20.33
CA GLN G 14 -13.41 -51.54 -21.46
C GLN G 14 -12.45 -52.70 -21.65
N CYS G 15 -11.14 -52.46 -21.53
CA CYS G 15 -10.16 -53.52 -21.67
C CYS G 15 -10.18 -54.46 -20.48
N ASP G 16 -10.18 -53.92 -19.26
CA ASP G 16 -10.11 -54.75 -18.07
C ASP G 16 -11.34 -55.62 -17.91
N ALA G 17 -12.53 -55.04 -18.13
CA ALA G 17 -13.78 -55.79 -18.06
C ALA G 17 -14.26 -56.05 -19.49
N MET G 18 -13.68 -57.07 -20.10
CA MET G 18 -14.01 -57.44 -21.48
C MET G 18 -15.48 -57.84 -21.62
#